data_1S9I
#
_entry.id   1S9I
#
_cell.length_a   161.888
_cell.length_b   161.888
_cell.length_c   122.986
_cell.angle_alpha   90.00
_cell.angle_beta   90.00
_cell.angle_gamma   120.00
#
_symmetry.space_group_name_H-M   'P 61 2 2'
#
loop_
_entity.id
_entity.type
_entity.pdbx_description
1 polymer 'Dual specificity mitogen-activated protein kinase kinase 2'
2 non-polymer 'MAGNESIUM ION'
3 non-polymer "ADENOSINE-5'-TRIPHOSPHATE"
4 non-polymer 5-{3,4-DIFLUORO-2-[(2-FLUORO-4-IODOPHENYL)AMINO]PHENYL}-N-(2-MORPHOLIN-4-YLETHYL)-1,3,4-OXADIAZOL-2-AMINE
#
_entity_poly.entity_id   1
_entity_poly.type   'polypeptide(L)'
_entity_poly.pdbx_seq_one_letter_code
;EAFLTQKAKVGELKDDDFERISELGAGNGGVVTKVQHRPSGLIMARKLIHLEIKPAIRNQIIRELQVLHECNSPYIVGFY
GAFYSDGEISICMEHMDGGSLDQVLKEAKRIPEEILGKVSIAVLRGLAYLREKHQIMHRDVKPSNILVNSRGEIKLCDFG
VSGQLIDSMANSFVGTRSYMAPERLQGTHYSVQSDIWSMGLSLVELAVGRYPIPPPDAKELEAIFGRPVVDGEEGEPHSI
SPRPRPPGRPVSGHGMDSRPAMAIFELLDYIVNEPPPKLPNGVFTPDFQEFVNKCLIKNPAERADLKMLTNHTFIKRSEV
EEVDFAGWLCKTLRLNQPGTPTRTAVLEHHHHHH
;
_entity_poly.pdbx_strand_id   A,B
#
loop_
_chem_comp.id
_chem_comp.type
_chem_comp.name
_chem_comp.formula
5EA non-polymer 5-{3,4-DIFLUORO-2-[(2-FLUORO-4-IODOPHENYL)AMINO]PHENYL}-N-(2-MORPHOLIN-4-YLETHYL)-1,3,4-OXADIAZOL-2-AMINE 'C20 H19 F3 I N5 O2'
ATP non-polymer ADENOSINE-5'-TRIPHOSPHATE 'C10 H16 N5 O13 P3'
MG non-polymer 'MAGNESIUM ION' 'Mg 2'
#
# COMPACT_ATOMS: atom_id res chain seq x y z
N GLN A 6 3.30 -5.30 -32.43
CA GLN A 6 3.30 -3.99 -31.70
C GLN A 6 4.69 -3.37 -31.65
N LYS A 7 4.97 -2.50 -32.61
CA LYS A 7 6.03 -1.51 -32.45
C LYS A 7 5.45 -0.21 -32.97
N ALA A 8 4.29 0.14 -32.41
CA ALA A 8 3.53 1.32 -32.79
C ALA A 8 4.26 2.59 -32.35
N LYS A 9 4.11 3.64 -33.14
CA LYS A 9 4.88 4.87 -32.96
C LYS A 9 4.02 6.11 -33.14
N VAL A 10 4.25 7.12 -32.29
CA VAL A 10 3.49 8.37 -32.37
C VAL A 10 4.32 9.67 -32.47
N GLY A 11 5.27 9.91 -31.56
CA GLY A 11 5.54 9.12 -30.37
C GLY A 11 5.91 10.03 -29.21
N GLU A 12 5.91 11.34 -29.47
CA GLU A 12 6.11 12.35 -28.43
C GLU A 12 4.77 12.62 -27.75
N LEU A 13 4.68 12.26 -26.48
CA LEU A 13 3.39 12.14 -25.79
C LEU A 13 2.97 13.39 -25.03
N LYS A 14 1.78 13.91 -25.36
CA LYS A 14 1.20 15.07 -24.70
C LYS A 14 0.09 14.64 -23.75
N ASP A 15 0.07 15.22 -22.55
CA ASP A 15 -0.93 14.89 -21.53
C ASP A 15 -2.38 15.01 -22.05
N ASP A 16 -2.65 16.09 -22.78
CA ASP A 16 -4.00 16.37 -23.30
C ASP A 16 -4.37 15.51 -24.52
N ASP A 17 -3.42 14.72 -25.00
CA ASP A 17 -3.66 13.75 -26.08
C ASP A 17 -4.32 12.47 -25.55
N PHE A 18 -4.48 12.36 -24.24
CA PHE A 18 -5.02 11.16 -23.60
C PHE A 18 -6.47 11.32 -23.15
N GLU A 19 -7.20 10.20 -23.16
CA GLU A 19 -8.61 10.17 -22.82
C GLU A 19 -8.97 8.92 -22.00
N ARG A 20 -9.39 9.16 -20.76
CA ARG A 20 -9.80 8.09 -19.84
C ARG A 20 -10.94 7.26 -20.41
N ILE A 21 -10.70 5.97 -20.60
CA ILE A 21 -11.75 5.04 -21.03
C ILE A 21 -12.18 4.18 -19.85
N SER A 22 -11.32 3.24 -19.46
CA SER A 22 -11.60 2.36 -18.33
C SER A 22 -10.52 2.50 -17.27
N GLU A 23 -10.86 2.16 -16.04
CA GLU A 23 -9.84 2.04 -14.99
C GLU A 23 -9.33 0.60 -15.03
N LEU A 24 -8.02 0.42 -14.88
CA LEU A 24 -7.42 -0.90 -14.97
C LEU A 24 -7.08 -1.52 -13.62
N GLY A 25 -6.76 -0.68 -12.63
CA GLY A 25 -6.41 -1.12 -11.30
C GLY A 25 -5.41 -0.19 -10.63
N ALA A 26 -5.08 -0.50 -9.38
CA ALA A 26 -4.09 0.29 -8.63
C ALA A 26 -3.44 -0.53 -7.51
N GLY A 27 -2.28 -0.08 -7.05
CA GLY A 27 -1.57 -0.73 -5.97
C GLY A 27 -0.10 -0.36 -5.90
N ASN A 28 0.46 -0.43 -4.69
CA ASN A 28 1.89 -0.19 -4.43
C ASN A 28 2.50 1.02 -5.13
N GLY A 29 1.80 2.14 -5.08
CA GLY A 29 2.28 3.39 -5.67
C GLY A 29 2.18 3.38 -7.18
N GLY A 30 0.96 3.39 -7.69
CA GLY A 30 0.68 3.39 -9.12
C GLY A 30 -0.78 3.22 -9.41
N VAL A 31 -1.24 3.82 -10.52
CA VAL A 31 -2.64 3.70 -10.94
C VAL A 31 -2.75 3.48 -12.44
N VAL A 32 -3.09 2.25 -12.84
CA VAL A 32 -3.13 1.87 -14.24
C VAL A 32 -4.48 2.20 -14.87
N THR A 33 -4.45 2.93 -15.98
CA THR A 33 -5.67 3.41 -16.62
C THR A 33 -5.70 3.08 -18.12
N LYS A 34 -6.87 2.65 -18.59
CA LYS A 34 -7.10 2.47 -20.03
C LYS A 34 -7.38 3.83 -20.65
N VAL A 35 -6.50 4.24 -21.55
CA VAL A 35 -6.56 5.56 -22.16
C VAL A 35 -6.46 5.47 -23.68
N GLN A 36 -7.00 6.47 -24.38
CA GLN A 36 -6.91 6.56 -25.84
C GLN A 36 -6.08 7.75 -26.28
N HIS A 37 -5.19 7.52 -27.25
CA HIS A 37 -4.36 8.57 -27.83
C HIS A 37 -5.07 9.23 -29.02
N ARG A 38 -5.16 10.56 -29.00
CA ARG A 38 -5.83 11.32 -30.05
C ARG A 38 -5.18 11.24 -31.44
N PRO A 39 -3.86 11.44 -31.55
CA PRO A 39 -3.19 11.45 -32.86
C PRO A 39 -2.62 10.10 -33.27
N SER A 40 -3.29 9.02 -32.90
CA SER A 40 -2.93 7.67 -33.33
C SER A 40 -4.10 6.69 -33.19
N GLY A 41 -5.00 6.99 -32.26
CA GLY A 41 -6.16 6.16 -31.99
C GLY A 41 -5.78 4.85 -31.33
N LEU A 42 -4.68 4.87 -30.58
CA LEU A 42 -4.12 3.65 -30.01
C LEU A 42 -4.39 3.56 -28.51
N ILE A 43 -5.19 2.56 -28.14
CA ILE A 43 -5.50 2.30 -26.74
C ILE A 43 -4.26 1.82 -26.00
N MET A 44 -3.71 2.67 -25.14
CA MET A 44 -2.56 2.30 -24.31
C MET A 44 -2.94 2.19 -22.84
N ALA A 45 -2.02 1.70 -22.03
CA ALA A 45 -2.15 1.72 -20.59
C ALA A 45 -1.26 2.82 -20.03
N ARG A 46 -1.79 3.59 -19.09
CA ARG A 46 -1.06 4.68 -18.47
C ARG A 46 -1.02 4.47 -16.97
N LYS A 47 0.18 4.54 -16.39
CA LYS A 47 0.36 4.38 -14.97
C LYS A 47 0.67 5.71 -14.28
N LEU A 48 -0.18 6.06 -13.31
CA LEU A 48 0.02 7.25 -12.50
C LEU A 48 0.79 6.89 -11.25
N ILE A 49 2.09 7.10 -11.27
CA ILE A 49 2.89 7.02 -10.05
C ILE A 49 2.87 8.41 -9.42
N HIS A 50 2.04 8.57 -8.40
CA HIS A 50 1.84 9.86 -7.74
C HIS A 50 2.98 10.17 -6.79
N LEU A 51 4.14 10.46 -7.37
CA LEU A 51 5.35 10.71 -6.60
C LEU A 51 5.44 12.12 -6.07
N GLU A 52 5.76 12.22 -4.79
CA GLU A 52 5.76 13.46 -4.02
C GLU A 52 6.83 14.45 -4.51
N ILE A 53 8.06 14.27 -4.01
CA ILE A 53 9.16 15.16 -4.33
C ILE A 53 9.31 15.44 -5.83
N LYS A 54 9.59 16.69 -6.17
CA LYS A 54 9.46 17.18 -7.55
C LYS A 54 10.56 18.17 -8.03
N PRO A 55 11.83 17.98 -7.62
CA PRO A 55 12.94 18.79 -8.16
C PRO A 55 13.68 18.12 -9.33
N ALA A 56 15.01 18.26 -9.35
CA ALA A 56 15.86 17.69 -10.39
C ALA A 56 15.95 16.16 -10.32
N ILE A 57 15.41 15.59 -9.23
CA ILE A 57 15.31 14.14 -9.09
C ILE A 57 14.19 13.61 -9.99
N ARG A 58 13.02 14.22 -9.92
CA ARG A 58 11.92 13.89 -10.82
C ARG A 58 12.39 13.96 -12.28
N ASN A 59 13.31 14.90 -12.54
CA ASN A 59 13.92 15.06 -13.86
C ASN A 59 14.92 13.96 -14.22
N GLN A 60 15.49 13.32 -13.21
CA GLN A 60 16.39 12.18 -13.42
C GLN A 60 15.58 10.91 -13.67
N ILE A 61 14.39 10.86 -13.09
CA ILE A 61 13.53 9.68 -13.21
C ILE A 61 13.15 9.43 -14.67
N ILE A 62 12.53 10.42 -15.32
CA ILE A 62 12.13 10.29 -16.70
C ILE A 62 13.36 10.04 -17.59
N ARG A 63 14.45 10.76 -17.29
CA ARG A 63 15.71 10.59 -18.01
C ARG A 63 16.29 9.19 -17.84
N GLU A 64 15.98 8.58 -16.69
CA GLU A 64 16.43 7.22 -16.39
C GLU A 64 15.48 6.20 -17.01
N LEU A 65 14.20 6.55 -17.08
CA LEU A 65 13.18 5.67 -17.65
C LEU A 65 13.39 5.43 -19.14
N GLN A 66 14.05 6.37 -19.82
CA GLN A 66 14.20 6.35 -21.28
C GLN A 66 14.80 5.07 -21.85
N VAL A 67 15.63 4.40 -21.06
CA VAL A 67 16.22 3.12 -21.48
C VAL A 67 15.17 2.06 -21.82
N LEU A 68 13.91 2.35 -21.53
CA LEU A 68 12.77 1.47 -21.81
C LEU A 68 12.41 1.46 -23.29
N HIS A 69 12.91 2.45 -24.02
CA HIS A 69 12.75 2.51 -25.46
C HIS A 69 13.66 1.48 -26.11
N GLU A 70 14.80 1.23 -25.48
CA GLU A 70 15.75 0.23 -25.94
C GLU A 70 15.40 -1.16 -25.40
N CYS A 71 14.32 -1.25 -24.63
CA CYS A 71 13.89 -2.50 -24.03
C CYS A 71 12.88 -3.21 -24.92
N ASN A 72 13.36 -4.11 -25.76
CA ASN A 72 12.48 -4.82 -26.69
C ASN A 72 12.68 -6.33 -26.72
N SER A 73 11.62 -7.03 -26.32
CA SER A 73 11.58 -8.48 -26.30
C SER A 73 10.11 -8.88 -26.32
N PRO A 74 9.78 -9.98 -26.99
CA PRO A 74 8.39 -10.49 -27.00
C PRO A 74 7.92 -10.89 -25.61
N TYR A 75 8.75 -10.65 -24.60
CA TYR A 75 8.50 -11.08 -23.25
C TYR A 75 8.50 -9.91 -22.27
N ILE A 76 8.64 -8.70 -22.81
CA ILE A 76 8.61 -7.47 -22.04
C ILE A 76 7.58 -6.52 -22.63
N VAL A 77 6.66 -6.06 -21.80
CA VAL A 77 5.59 -5.15 -22.22
C VAL A 77 6.13 -3.89 -22.88
N GLY A 78 5.47 -3.47 -23.97
CA GLY A 78 5.86 -2.29 -24.72
C GLY A 78 5.83 -1.01 -23.92
N PHE A 79 6.44 0.04 -24.47
CA PHE A 79 6.62 1.31 -23.78
C PHE A 79 6.58 2.45 -24.77
N TYR A 80 5.54 3.28 -24.67
CA TYR A 80 5.37 4.43 -25.57
C TYR A 80 6.13 5.69 -25.12
N GLY A 81 6.42 5.78 -23.83
CA GLY A 81 7.11 6.92 -23.25
C GLY A 81 6.64 7.27 -21.85
N ALA A 82 7.29 8.26 -21.25
CA ALA A 82 6.97 8.70 -19.89
C ALA A 82 7.21 10.19 -19.72
N PHE A 83 6.37 10.84 -18.91
CA PHE A 83 6.43 12.30 -18.78
C PHE A 83 5.99 12.79 -17.41
N TYR A 84 6.41 14.01 -17.07
CA TYR A 84 5.98 14.70 -15.85
C TYR A 84 4.67 15.47 -16.08
N SER A 85 3.70 15.23 -15.20
CA SER A 85 2.36 15.84 -15.33
C SER A 85 1.75 16.16 -13.95
N ASP A 86 1.95 17.40 -13.52
CA ASP A 86 1.57 17.86 -12.18
C ASP A 86 2.16 16.92 -11.11
N GLY A 87 3.48 16.91 -11.02
CA GLY A 87 4.20 16.05 -10.09
C GLY A 87 4.10 14.60 -10.50
N GLU A 88 2.90 14.02 -10.33
CA GLU A 88 2.62 12.61 -10.66
C GLU A 88 3.04 12.21 -12.08
N ILE A 89 4.05 11.33 -12.16
CA ILE A 89 4.63 10.90 -13.44
C ILE A 89 3.74 9.89 -14.16
N SER A 90 3.87 9.83 -15.47
CA SER A 90 3.04 8.95 -16.29
C SER A 90 3.87 8.08 -17.23
N ILE A 91 3.97 6.79 -16.90
CA ILE A 91 4.54 5.78 -17.79
C ILE A 91 3.42 5.23 -18.67
N CYS A 92 3.56 5.44 -19.98
CA CYS A 92 2.58 4.92 -20.93
C CYS A 92 3.09 3.64 -21.58
N MET A 93 2.27 2.60 -21.49
CA MET A 93 2.71 1.27 -21.86
C MET A 93 1.68 0.50 -22.71
N GLU A 94 2.14 -0.57 -23.36
CA GLU A 94 1.33 -1.43 -24.20
C GLU A 94 0.15 -2.05 -23.44
N HIS A 95 -1.06 -1.79 -23.93
CA HIS A 95 -2.26 -2.34 -23.31
C HIS A 95 -2.42 -3.85 -23.61
N MET A 96 -2.26 -4.64 -22.56
CA MET A 96 -2.37 -6.10 -22.63
C MET A 96 -3.81 -6.54 -22.39
N ASP A 97 -4.52 -6.82 -23.47
CA ASP A 97 -5.97 -7.07 -23.43
C ASP A 97 -6.40 -8.35 -22.73
N GLY A 98 -5.42 -9.18 -22.33
CA GLY A 98 -5.71 -10.39 -21.59
C GLY A 98 -5.62 -10.15 -20.09
N GLY A 99 -5.07 -9.00 -19.73
CA GLY A 99 -4.91 -8.64 -18.32
C GLY A 99 -3.74 -9.37 -17.69
N SER A 100 -3.62 -9.23 -16.38
CA SER A 100 -2.57 -9.89 -15.62
C SER A 100 -2.90 -11.36 -15.44
N LEU A 101 -1.90 -12.16 -15.10
CA LEU A 101 -2.12 -13.57 -14.86
C LEU A 101 -2.99 -13.79 -13.63
N ASP A 102 -2.93 -12.83 -12.71
CA ASP A 102 -3.78 -12.78 -11.53
C ASP A 102 -5.26 -12.69 -11.93
N GLN A 103 -5.52 -11.95 -13.01
CA GLN A 103 -6.86 -11.79 -13.56
C GLN A 103 -7.36 -13.09 -14.18
N VAL A 104 -6.47 -13.81 -14.85
CA VAL A 104 -6.85 -15.07 -15.48
C VAL A 104 -7.09 -16.16 -14.44
N LEU A 105 -6.41 -16.05 -13.30
CA LEU A 105 -6.61 -16.99 -12.21
C LEU A 105 -8.03 -16.88 -11.64
N LYS A 106 -8.59 -15.68 -11.71
CA LYS A 106 -9.93 -15.43 -11.18
C LYS A 106 -10.99 -16.06 -12.07
N GLU A 107 -10.79 -15.96 -13.39
CA GLU A 107 -11.76 -16.48 -14.35
C GLU A 107 -11.56 -17.97 -14.61
N ALA A 108 -10.30 -18.38 -14.64
CA ALA A 108 -9.97 -19.80 -14.74
C ALA A 108 -9.92 -20.39 -13.35
N LYS A 109 -9.96 -21.71 -13.27
CA LYS A 109 -9.92 -22.41 -11.98
C LYS A 109 -8.53 -22.21 -11.34
N ARG A 110 -7.70 -23.24 -11.44
CA ARG A 110 -6.27 -23.09 -11.37
C ARG A 110 -5.80 -23.31 -12.80
N ILE A 111 -4.60 -22.83 -13.11
CA ILE A 111 -4.07 -22.94 -14.45
C ILE A 111 -3.43 -24.32 -14.65
N PRO A 112 -3.73 -24.97 -15.78
CA PRO A 112 -3.15 -26.28 -16.12
C PRO A 112 -1.63 -26.22 -16.29
N GLU A 113 -0.94 -27.24 -15.78
CA GLU A 113 0.52 -27.19 -15.64
C GLU A 113 1.28 -27.05 -16.95
N GLU A 114 0.61 -27.34 -18.06
CA GLU A 114 1.23 -27.19 -19.38
C GLU A 114 1.24 -25.72 -19.80
N ILE A 115 0.21 -24.98 -19.40
CA ILE A 115 0.12 -23.55 -19.69
C ILE A 115 1.11 -22.76 -18.83
N LEU A 116 1.37 -23.27 -17.64
CA LEU A 116 2.35 -22.64 -16.76
C LEU A 116 3.75 -22.83 -17.30
N GLY A 117 3.96 -23.93 -18.00
CA GLY A 117 5.20 -24.18 -18.70
C GLY A 117 5.50 -23.07 -19.69
N LYS A 118 4.50 -22.67 -20.45
CA LYS A 118 4.63 -21.59 -21.41
C LYS A 118 4.85 -20.27 -20.69
N VAL A 119 4.13 -20.09 -19.57
CA VAL A 119 4.34 -18.92 -18.73
C VAL A 119 5.77 -18.91 -18.21
N SER A 120 6.22 -20.07 -17.71
CA SER A 120 7.56 -20.25 -17.16
C SER A 120 8.68 -19.94 -18.13
N ILE A 121 8.43 -20.19 -19.41
CA ILE A 121 9.40 -19.85 -20.46
C ILE A 121 9.58 -18.34 -20.53
N ALA A 122 8.46 -17.61 -20.61
CA ALA A 122 8.50 -16.16 -20.78
C ALA A 122 9.06 -15.41 -19.56
N VAL A 123 8.78 -15.90 -18.35
CA VAL A 123 9.29 -15.25 -17.16
C VAL A 123 10.81 -15.39 -17.15
N LEU A 124 11.28 -16.61 -17.35
CA LEU A 124 12.71 -16.86 -17.43
C LEU A 124 13.36 -16.08 -18.58
N ARG A 125 12.72 -16.05 -19.74
CA ARG A 125 13.33 -15.38 -20.88
C ARG A 125 13.29 -13.87 -20.76
N GLY A 126 12.15 -13.34 -20.36
CA GLY A 126 12.05 -11.93 -20.02
C GLY A 126 12.99 -11.55 -18.90
N LEU A 127 13.04 -12.36 -17.85
CA LEU A 127 13.94 -12.14 -16.74
C LEU A 127 15.38 -12.06 -17.23
N ALA A 128 15.77 -13.05 -18.04
CA ALA A 128 17.13 -13.16 -18.56
C ALA A 128 17.46 -12.07 -19.57
N TYR A 129 16.45 -11.57 -20.27
CA TYR A 129 16.64 -10.52 -21.25
C TYR A 129 17.09 -9.24 -20.54
N LEU A 130 16.28 -8.81 -19.58
CA LEU A 130 16.60 -7.63 -18.78
C LEU A 130 17.94 -7.82 -18.06
N ARG A 131 18.20 -9.05 -17.61
CA ARG A 131 19.43 -9.37 -16.91
C ARG A 131 20.66 -9.22 -17.79
N GLU A 132 20.58 -9.73 -19.02
CA GLU A 132 21.77 -9.86 -19.87
C GLU A 132 21.97 -8.68 -20.81
N LYS A 133 20.92 -8.32 -21.55
CA LYS A 133 21.01 -7.22 -22.54
C LYS A 133 21.15 -5.84 -21.88
N HIS A 134 20.22 -5.51 -20.98
CA HIS A 134 20.44 -4.43 -20.03
C HIS A 134 21.02 -5.05 -18.76
N GLN A 135 21.19 -4.28 -17.69
CA GLN A 135 21.77 -4.88 -16.48
C GLN A 135 20.86 -4.83 -15.27
N ILE A 136 19.59 -4.48 -15.50
CA ILE A 136 18.61 -4.41 -14.41
C ILE A 136 17.94 -5.75 -14.15
N MET A 137 17.48 -5.92 -12.91
CA MET A 137 16.60 -7.03 -12.55
C MET A 137 15.20 -6.51 -12.25
N HIS A 138 14.22 -7.39 -12.44
CA HIS A 138 12.87 -7.16 -11.92
C HIS A 138 13.05 -7.09 -10.44
N ARG A 139 12.19 -6.39 -9.73
CA ARG A 139 12.28 -6.42 -8.27
C ARG A 139 10.90 -6.74 -7.72
N ASP A 140 10.07 -7.30 -8.60
CA ASP A 140 8.65 -7.44 -8.34
C ASP A 140 7.96 -8.46 -9.24
N VAL A 141 8.48 -9.68 -9.28
CA VAL A 141 7.84 -10.78 -10.00
C VAL A 141 6.65 -11.27 -9.15
N LYS A 142 5.46 -11.25 -9.75
CA LYS A 142 4.25 -11.75 -9.11
C LYS A 142 3.13 -11.80 -10.15
N PRO A 143 2.17 -12.70 -9.98
CA PRO A 143 1.10 -12.89 -10.98
C PRO A 143 0.55 -11.62 -11.62
N SER A 144 0.33 -10.57 -10.83
CA SER A 144 -0.22 -9.31 -11.33
C SER A 144 0.74 -8.53 -12.25
N ASN A 145 1.98 -9.01 -12.36
CA ASN A 145 3.01 -8.35 -13.16
C ASN A 145 3.43 -9.18 -14.36
N ILE A 146 2.75 -10.32 -14.53
CA ILE A 146 2.91 -11.17 -15.71
C ILE A 146 1.67 -10.99 -16.58
N LEU A 147 1.80 -10.19 -17.63
CA LEU A 147 0.68 -9.79 -18.47
C LEU A 147 0.52 -10.64 -19.72
N VAL A 148 -0.72 -11.00 -20.04
CA VAL A 148 -1.03 -11.83 -21.21
C VAL A 148 -1.95 -11.13 -22.20
N ASN A 149 -2.04 -11.67 -23.41
CA ASN A 149 -2.89 -11.07 -24.46
C ASN A 149 -3.47 -12.08 -25.47
N SER A 150 -4.48 -11.62 -26.22
CA SER A 150 -5.21 -12.45 -27.19
C SER A 150 -4.35 -12.96 -28.36
N ARG A 151 -3.26 -12.25 -28.66
CA ARG A 151 -2.27 -12.73 -29.61
C ARG A 151 -1.51 -13.95 -29.04
N GLY A 152 -1.63 -14.16 -27.74
CA GLY A 152 -0.99 -15.30 -27.09
C GLY A 152 0.36 -14.99 -26.46
N GLU A 153 0.65 -13.70 -26.26
CA GLU A 153 1.93 -13.27 -25.70
C GLU A 153 1.91 -13.26 -24.18
N ILE A 154 3.04 -13.61 -23.58
CA ILE A 154 3.23 -13.47 -22.14
C ILE A 154 4.39 -12.50 -21.90
N LYS A 155 4.10 -11.40 -21.22
CA LYS A 155 5.08 -10.33 -21.05
C LYS A 155 5.28 -9.89 -19.58
N LEU A 156 6.24 -8.97 -19.38
CA LEU A 156 6.65 -8.52 -18.05
C LEU A 156 6.68 -7.00 -17.98
N CYS A 157 6.18 -6.45 -16.88
CA CYS A 157 6.24 -5.01 -16.63
C CYS A 157 6.57 -4.75 -15.17
N ASP A 158 6.56 -3.47 -14.79
CA ASP A 158 6.84 -3.02 -13.43
C ASP A 158 8.21 -3.46 -12.89
N PHE A 159 9.12 -3.80 -13.80
CA PHE A 159 10.51 -4.07 -13.46
C PHE A 159 11.23 -2.75 -13.26
N GLY A 160 12.26 -2.76 -12.40
CA GLY A 160 12.97 -1.55 -12.04
C GLY A 160 14.00 -1.09 -13.04
N VAL A 161 13.55 -0.33 -14.04
CA VAL A 161 14.43 0.26 -15.04
C VAL A 161 15.24 1.42 -14.45
N SER A 162 14.55 2.33 -13.77
CA SER A 162 15.15 3.49 -13.12
C SER A 162 15.45 3.21 -11.66
N GLY A 163 16.71 3.36 -11.27
CA GLY A 163 17.10 3.24 -9.88
C GLY A 163 16.39 4.28 -9.02
N GLN A 164 16.31 5.50 -9.55
CA GLN A 164 15.71 6.63 -8.87
C GLN A 164 14.24 6.38 -8.52
N LEU A 165 13.49 5.79 -9.45
CA LEU A 165 12.06 5.54 -9.24
C LEU A 165 11.80 4.56 -8.10
N ILE A 166 12.67 3.57 -7.96
CA ILE A 166 12.59 2.60 -6.87
C ILE A 166 12.87 3.29 -5.53
N ASP A 167 14.01 3.97 -5.44
CA ASP A 167 14.40 4.70 -4.23
C ASP A 167 13.38 5.79 -3.89
N SER A 168 12.54 6.13 -4.86
CA SER A 168 11.50 7.12 -4.68
C SER A 168 10.21 6.55 -4.10
N MET A 169 9.98 5.25 -4.34
CA MET A 169 8.81 4.56 -3.77
C MET A 169 9.18 3.18 -3.22
N VAL A 174 2.38 -2.00 0.31
CA VAL A 174 1.38 -2.59 1.19
C VAL A 174 1.50 -4.11 1.19
N GLY A 175 1.46 -4.70 2.39
CA GLY A 175 1.71 -6.13 2.55
C GLY A 175 0.48 -6.99 2.79
N THR A 176 -0.42 -7.02 1.80
CA THR A 176 -1.56 -7.93 1.81
C THR A 176 -1.11 -9.38 1.71
N ARG A 177 -0.04 -9.61 0.96
CA ARG A 177 0.61 -10.92 0.76
C ARG A 177 1.88 -10.75 -0.06
N SER A 178 3.02 -11.14 0.51
CA SER A 178 4.32 -10.84 -0.08
C SER A 178 4.90 -11.93 -0.98
N TYR A 179 5.68 -11.50 -1.97
CA TYR A 179 6.40 -12.39 -2.86
C TYR A 179 7.91 -12.23 -2.68
N MET A 180 8.30 -11.57 -1.60
CA MET A 180 9.71 -11.30 -1.33
C MET A 180 10.40 -12.53 -0.79
N ALA A 181 11.63 -12.75 -1.23
CA ALA A 181 12.41 -13.93 -0.86
C ALA A 181 12.86 -13.80 0.59
N PRO A 182 12.97 -14.93 1.29
CA PRO A 182 13.36 -14.91 2.71
C PRO A 182 14.56 -14.01 2.97
N GLU A 183 15.58 -14.12 2.14
CA GLU A 183 16.85 -13.45 2.36
C GLU A 183 16.78 -11.95 2.07
N ARG A 184 15.81 -11.55 1.25
CA ARG A 184 15.62 -10.14 0.96
C ARG A 184 14.98 -9.48 2.17
N LEU A 185 13.94 -10.11 2.71
CA LEU A 185 13.26 -9.61 3.90
C LEU A 185 14.29 -9.35 5.00
N GLN A 186 15.30 -10.23 5.08
CA GLN A 186 16.40 -10.07 6.03
C GLN A 186 17.47 -9.05 5.60
N GLY A 187 17.10 -8.13 4.69
CA GLY A 187 17.93 -6.99 4.34
C GLY A 187 19.20 -7.17 3.51
N THR A 188 19.48 -8.39 3.02
CA THR A 188 20.55 -8.59 2.05
C THR A 188 19.98 -8.19 0.71
N HIS A 189 20.69 -7.36 -0.06
CA HIS A 189 20.07 -6.75 -1.25
C HIS A 189 19.64 -7.74 -2.35
N TYR A 190 18.69 -7.26 -3.16
CA TYR A 190 17.98 -8.03 -4.17
C TYR A 190 18.92 -8.62 -5.24
N SER A 191 18.77 -9.92 -5.49
CA SER A 191 19.59 -10.68 -6.43
C SER A 191 18.75 -11.20 -7.59
N VAL A 192 19.38 -11.94 -8.50
CA VAL A 192 18.63 -12.69 -9.52
C VAL A 192 17.76 -13.73 -8.84
N GLN A 193 18.35 -14.41 -7.86
CA GLN A 193 17.71 -15.49 -7.12
C GLN A 193 16.43 -15.03 -6.43
N SER A 194 16.37 -13.74 -6.14
CA SER A 194 15.17 -13.16 -5.53
C SER A 194 13.99 -13.16 -6.50
N ASP A 195 14.24 -12.80 -7.75
CA ASP A 195 13.22 -12.89 -8.80
C ASP A 195 12.80 -14.33 -8.99
N ILE A 196 13.78 -15.22 -8.96
CA ILE A 196 13.57 -16.65 -9.12
C ILE A 196 12.61 -17.15 -8.06
N TRP A 197 12.81 -16.72 -6.80
CA TRP A 197 11.92 -17.08 -5.72
C TRP A 197 10.52 -16.53 -5.98
N SER A 198 10.46 -15.27 -6.38
CA SER A 198 9.18 -14.63 -6.70
C SER A 198 8.46 -15.40 -7.80
N MET A 199 9.21 -15.96 -8.76
CA MET A 199 8.64 -16.76 -9.84
C MET A 199 8.06 -18.08 -9.34
N GLY A 200 8.81 -18.79 -8.51
CA GLY A 200 8.38 -20.04 -7.91
C GLY A 200 7.05 -19.91 -7.19
N LEU A 201 7.03 -19.07 -6.15
CA LEU A 201 5.79 -18.75 -5.43
C LEU A 201 4.65 -18.37 -6.38
N SER A 202 4.97 -17.56 -7.40
CA SER A 202 4.00 -17.18 -8.43
C SER A 202 3.44 -18.40 -9.15
N LEU A 203 4.32 -19.33 -9.50
CA LEU A 203 3.90 -20.56 -10.16
C LEU A 203 2.99 -21.36 -9.25
N VAL A 204 3.47 -21.66 -8.04
CA VAL A 204 2.70 -22.43 -7.07
C VAL A 204 1.33 -21.80 -6.81
N GLU A 205 1.29 -20.47 -6.81
CA GLU A 205 0.03 -19.75 -6.67
C GLU A 205 -0.90 -20.08 -7.84
N LEU A 206 -0.42 -19.89 -9.06
CA LEU A 206 -1.24 -20.12 -10.26
C LEU A 206 -1.61 -21.59 -10.45
N ALA A 207 -0.73 -22.46 -9.97
CA ALA A 207 -0.95 -23.90 -10.03
C ALA A 207 -2.07 -24.33 -9.07
N VAL A 208 -2.06 -23.76 -7.87
CA VAL A 208 -2.96 -24.19 -6.79
C VAL A 208 -4.24 -23.35 -6.70
N GLY A 209 -4.19 -22.11 -7.20
CA GLY A 209 -5.38 -21.27 -7.24
C GLY A 209 -5.46 -20.23 -6.13
N ARG A 210 -4.51 -20.26 -5.21
CA ARG A 210 -4.44 -19.24 -4.18
C ARG A 210 -3.02 -18.98 -3.70
N TYR A 211 -2.84 -17.84 -3.05
CA TYR A 211 -1.57 -17.50 -2.43
C TYR A 211 -1.24 -18.62 -1.47
N PRO A 212 -0.09 -19.25 -1.64
CA PRO A 212 0.23 -20.50 -0.93
C PRO A 212 0.83 -20.33 0.46
N ILE A 213 1.19 -19.11 0.86
CA ILE A 213 2.08 -18.96 2.04
C ILE A 213 1.50 -19.50 3.34
N PRO A 214 0.23 -19.27 3.63
CA PRO A 214 -0.49 -20.21 4.50
C PRO A 214 -0.79 -21.46 3.63
N PRO A 215 -0.02 -22.53 3.79
CA PRO A 215 -0.10 -23.69 2.90
C PRO A 215 -1.38 -24.49 3.08
N PRO A 216 -1.96 -24.96 1.99
CA PRO A 216 -3.20 -25.77 2.03
C PRO A 216 -2.99 -27.11 2.72
N ASP A 217 -3.81 -27.36 3.73
CA ASP A 217 -3.80 -28.62 4.47
C ASP A 217 -4.51 -29.68 3.64
N ALA A 218 -4.15 -30.94 3.86
CA ALA A 218 -4.65 -32.06 3.07
C ALA A 218 -6.13 -31.92 2.72
N LYS A 219 -6.94 -31.59 3.71
CA LYS A 219 -8.39 -31.42 3.52
C LYS A 219 -8.70 -30.42 2.42
N GLU A 220 -8.03 -29.26 2.46
CA GLU A 220 -8.26 -28.19 1.48
C GLU A 220 -7.83 -28.59 0.09
N LEU A 221 -6.74 -29.35 0.00
CA LEU A 221 -6.23 -29.83 -1.29
C LEU A 221 -7.21 -30.81 -1.96
N GLU A 222 -7.95 -31.55 -1.14
CA GLU A 222 -9.00 -32.44 -1.63
C GLU A 222 -10.14 -31.64 -2.27
N ALA A 223 -10.32 -30.39 -1.85
CA ALA A 223 -11.34 -29.52 -2.42
C ALA A 223 -10.86 -28.81 -3.68
N ILE A 224 -9.56 -28.87 -3.94
CA ILE A 224 -8.97 -28.21 -5.10
C ILE A 224 -8.91 -29.13 -6.32
N PHE A 225 -8.34 -30.32 -6.14
CA PHE A 225 -8.37 -31.37 -7.16
C PHE A 225 -8.48 -32.74 -6.49
N GLY A 226 -9.66 -33.01 -5.91
CA GLY A 226 -9.86 -34.21 -5.10
C GLY A 226 -10.03 -35.49 -5.89
N ARG A 227 -9.41 -36.58 -5.44
CA ARG A 227 -8.75 -36.63 -4.12
C ARG A 227 -7.23 -36.96 -4.06
N PRO A 228 -6.52 -36.97 -5.21
CA PRO A 228 -5.04 -37.11 -5.17
C PRO A 228 -4.40 -36.03 -4.28
N VAL A 229 -4.02 -36.42 -3.06
CA VAL A 229 -3.61 -35.44 -2.05
C VAL A 229 -2.49 -35.95 -1.14
N VAL A 230 -1.36 -35.26 -1.19
CA VAL A 230 -0.28 -35.42 -0.21
C VAL A 230 0.62 -34.16 -0.21
N ASP A 231 1.94 -34.34 -0.11
CA ASP A 231 2.87 -33.22 -0.06
C ASP A 231 3.75 -33.12 -1.31
N ARG A 259 -10.55 -20.44 5.38
CA ARG A 259 -10.53 -19.96 6.77
C ARG A 259 -9.93 -18.51 6.87
N PRO A 260 -9.08 -18.19 7.86
CA PRO A 260 -8.56 -16.81 7.99
C PRO A 260 -7.29 -16.49 7.19
N ALA A 261 -6.97 -15.20 7.06
CA ALA A 261 -5.82 -14.76 6.29
C ALA A 261 -4.78 -14.07 7.16
N MET A 262 -3.57 -14.65 7.20
CA MET A 262 -2.47 -14.24 8.08
C MET A 262 -2.26 -12.73 8.22
N ALA A 263 -1.89 -12.30 9.42
CA ALA A 263 -1.53 -10.90 9.66
C ALA A 263 -0.15 -10.57 9.08
N ILE A 264 0.16 -9.28 9.01
CA ILE A 264 1.35 -8.80 8.28
C ILE A 264 2.64 -9.46 8.75
N PHE A 265 2.97 -9.31 10.04
CA PHE A 265 4.17 -9.92 10.58
C PHE A 265 4.12 -11.44 10.47
N GLU A 266 3.05 -12.02 11.02
CA GLU A 266 2.75 -13.44 10.90
C GLU A 266 3.15 -14.02 9.54
N LEU A 267 2.86 -13.28 8.47
CA LEU A 267 3.09 -13.72 7.10
C LEU A 267 4.57 -13.78 6.79
N LEU A 268 5.25 -12.66 6.92
CA LEU A 268 6.67 -12.55 6.60
C LEU A 268 7.49 -13.48 7.48
N ASP A 269 7.19 -13.50 8.78
CA ASP A 269 7.86 -14.35 9.75
C ASP A 269 7.68 -15.82 9.37
N TYR A 270 6.60 -16.11 8.65
CA TYR A 270 6.38 -17.44 8.13
C TYR A 270 7.33 -17.67 6.94
N ILE A 271 7.27 -16.77 5.96
CA ILE A 271 8.11 -16.85 4.76
C ILE A 271 9.59 -17.04 5.10
N VAL A 272 10.08 -16.31 6.09
CA VAL A 272 11.46 -16.48 6.52
C VAL A 272 11.67 -17.82 7.23
N ASN A 273 11.13 -17.93 8.44
CA ASN A 273 11.49 -19.01 9.35
C ASN A 273 10.93 -20.40 9.02
N GLU A 274 9.75 -20.44 8.41
CA GLU A 274 9.09 -21.71 8.10
C GLU A 274 9.48 -22.23 6.71
N PRO A 275 9.41 -23.55 6.52
CA PRO A 275 9.73 -24.17 5.23
C PRO A 275 8.95 -23.62 4.04
N PRO A 276 9.57 -23.57 2.86
CA PRO A 276 8.92 -23.04 1.65
C PRO A 276 7.77 -23.91 1.18
N PRO A 277 6.82 -23.30 0.45
CA PRO A 277 5.67 -24.04 -0.07
C PRO A 277 6.10 -25.03 -1.15
N LYS A 278 5.27 -26.03 -1.38
CA LYS A 278 5.60 -27.10 -2.33
C LYS A 278 4.39 -27.43 -3.19
N LEU A 279 4.65 -28.03 -4.35
CA LEU A 279 3.60 -28.56 -5.18
C LEU A 279 3.10 -29.88 -4.57
N PRO A 280 1.79 -30.06 -4.51
CA PRO A 280 1.18 -31.33 -4.06
C PRO A 280 1.59 -32.50 -4.94
N ASN A 281 1.68 -33.68 -4.36
CA ASN A 281 2.09 -34.88 -5.07
C ASN A 281 1.00 -35.48 -5.96
N GLY A 282 1.43 -36.31 -6.92
CA GLY A 282 0.53 -37.10 -7.75
C GLY A 282 -0.46 -36.31 -8.61
N VAL A 283 -0.28 -35.00 -8.70
CA VAL A 283 -1.12 -34.18 -9.55
C VAL A 283 -0.33 -33.50 -10.67
N PHE A 284 0.79 -32.86 -10.33
CA PHE A 284 1.68 -32.30 -11.34
C PHE A 284 2.91 -33.18 -11.53
N THR A 285 3.50 -33.14 -12.72
CA THR A 285 4.66 -33.98 -13.07
C THR A 285 5.81 -33.81 -12.10
N PRO A 286 6.53 -34.90 -11.80
CA PRO A 286 7.72 -34.82 -10.94
C PRO A 286 8.73 -33.76 -11.39
N ASP A 287 8.73 -33.48 -12.69
CA ASP A 287 9.62 -32.48 -13.24
C ASP A 287 9.20 -31.07 -12.86
N PHE A 288 7.92 -30.75 -13.04
CA PHE A 288 7.35 -29.48 -12.58
C PHE A 288 7.61 -29.30 -11.10
N GLN A 289 7.45 -30.39 -10.35
CA GLN A 289 7.69 -30.38 -8.91
C GLN A 289 9.12 -29.95 -8.60
N GLU A 290 10.11 -30.58 -9.24
CA GLU A 290 11.52 -30.26 -8.99
C GLU A 290 11.90 -28.86 -9.48
N PHE A 291 11.32 -28.45 -10.60
CA PHE A 291 11.50 -27.09 -11.11
C PHE A 291 11.16 -26.03 -10.05
N VAL A 292 9.90 -26.03 -9.60
CA VAL A 292 9.43 -25.02 -8.63
C VAL A 292 10.14 -25.11 -7.27
N ASN A 293 10.60 -26.31 -6.93
CA ASN A 293 11.31 -26.52 -5.68
C ASN A 293 12.70 -25.92 -5.74
N LYS A 294 13.34 -26.04 -6.90
CA LYS A 294 14.62 -25.39 -7.14
C LYS A 294 14.46 -23.88 -7.11
N CYS A 295 13.27 -23.42 -7.47
CA CYS A 295 12.93 -22.00 -7.40
C CYS A 295 12.71 -21.52 -5.98
N LEU A 296 12.26 -22.41 -5.10
CA LEU A 296 11.86 -22.02 -3.76
C LEU A 296 12.79 -22.56 -2.69
N ILE A 297 14.09 -22.57 -2.95
CA ILE A 297 15.03 -22.95 -1.91
C ILE A 297 15.32 -21.69 -1.10
N LYS A 298 15.14 -21.77 0.22
CA LYS A 298 15.29 -20.61 1.09
C LYS A 298 16.69 -19.99 1.03
N ASN A 299 17.72 -20.84 0.97
CA ASN A 299 19.08 -20.38 0.74
C ASN A 299 19.22 -19.88 -0.70
N PRO A 300 19.45 -18.57 -0.87
CA PRO A 300 19.51 -17.95 -2.19
C PRO A 300 20.69 -18.44 -3.01
N ALA A 301 21.77 -18.83 -2.32
CA ALA A 301 22.97 -19.33 -2.95
C ALA A 301 22.80 -20.76 -3.43
N GLU A 302 21.84 -21.47 -2.83
CA GLU A 302 21.54 -22.87 -3.16
C GLU A 302 20.39 -22.95 -4.16
N ARG A 303 19.60 -21.88 -4.21
CA ARG A 303 18.53 -21.74 -5.19
C ARG A 303 19.06 -21.88 -6.60
N ALA A 304 18.24 -22.44 -7.48
CA ALA A 304 18.53 -22.51 -8.90
C ALA A 304 18.75 -21.12 -9.46
N ASP A 305 19.69 -21.01 -10.40
CA ASP A 305 19.92 -19.76 -11.10
C ASP A 305 19.28 -19.88 -12.47
N LEU A 306 19.33 -18.80 -13.24
CA LEU A 306 18.68 -18.73 -14.54
C LEU A 306 19.08 -19.84 -15.51
N LYS A 307 20.34 -20.26 -15.43
CA LYS A 307 20.88 -21.31 -16.32
C LYS A 307 20.33 -22.69 -16.00
N MET A 308 20.31 -23.04 -14.71
CA MET A 308 19.72 -24.30 -14.25
C MET A 308 18.27 -24.43 -14.72
N LEU A 309 17.50 -23.35 -14.53
CA LEU A 309 16.08 -23.34 -14.83
C LEU A 309 15.78 -23.43 -16.32
N THR A 310 16.55 -22.70 -17.14
CA THR A 310 16.33 -22.71 -18.58
C THR A 310 16.67 -24.08 -19.17
N ASN A 311 17.66 -24.74 -18.59
CA ASN A 311 18.04 -26.07 -19.05
C ASN A 311 17.31 -27.20 -18.35
N HIS A 312 16.38 -26.86 -17.46
CA HIS A 312 15.61 -27.87 -16.74
C HIS A 312 14.73 -28.63 -17.70
N THR A 313 14.58 -29.93 -17.44
CA THR A 313 13.78 -30.79 -18.28
C THR A 313 12.31 -30.37 -18.34
N PHE A 314 11.82 -29.67 -17.32
CA PHE A 314 10.45 -29.12 -17.33
C PHE A 314 10.31 -28.05 -18.40
N ILE A 315 11.36 -27.27 -18.59
CA ILE A 315 11.38 -26.19 -19.58
C ILE A 315 11.71 -26.75 -20.97
N LYS A 316 12.57 -27.76 -21.02
CA LYS A 316 12.85 -28.46 -22.26
C LYS A 316 11.59 -29.12 -22.81
N ARG A 317 10.91 -29.91 -21.97
CA ARG A 317 9.65 -30.56 -22.31
C ARG A 317 8.60 -29.55 -22.74
N SER A 318 8.57 -28.40 -22.07
CA SER A 318 7.57 -27.37 -22.30
C SER A 318 7.78 -26.67 -23.64
N GLU A 319 8.99 -26.74 -24.15
CA GLU A 319 9.32 -26.07 -25.40
C GLU A 319 8.81 -26.89 -26.58
N VAL A 320 9.09 -28.20 -26.57
CA VAL A 320 8.70 -29.08 -27.66
C VAL A 320 7.20 -29.32 -27.72
N GLU A 321 6.54 -29.43 -26.57
CA GLU A 321 5.10 -29.71 -26.55
C GLU A 321 4.28 -28.45 -26.81
N GLU A 322 4.30 -28.01 -28.06
CA GLU A 322 3.55 -26.84 -28.48
C GLU A 322 2.06 -26.98 -28.14
N VAL A 323 1.59 -26.05 -27.30
CA VAL A 323 0.21 -26.01 -26.85
C VAL A 323 -0.40 -24.64 -27.16
N ASP A 324 -1.65 -24.65 -27.61
CA ASP A 324 -2.34 -23.44 -28.01
C ASP A 324 -2.64 -22.55 -26.81
N PHE A 325 -1.70 -21.65 -26.49
CA PHE A 325 -1.88 -20.70 -25.39
C PHE A 325 -2.94 -19.65 -25.73
N ALA A 326 -2.98 -19.23 -26.99
CA ALA A 326 -3.97 -18.27 -27.45
C ALA A 326 -5.38 -18.85 -27.39
N GLY A 327 -5.50 -20.12 -27.76
CA GLY A 327 -6.78 -20.82 -27.74
C GLY A 327 -7.29 -21.01 -26.33
N TRP A 328 -6.39 -21.41 -25.43
CA TRP A 328 -6.72 -21.58 -24.03
C TRP A 328 -7.03 -20.24 -23.37
N LEU A 329 -6.14 -19.26 -23.56
CA LEU A 329 -6.30 -17.94 -22.97
C LEU A 329 -7.64 -17.34 -23.36
N CYS A 330 -7.95 -17.39 -24.65
CA CYS A 330 -9.19 -16.82 -25.18
C CYS A 330 -10.46 -17.57 -24.76
N LYS A 331 -10.39 -18.90 -24.72
CA LYS A 331 -11.58 -19.71 -24.42
C LYS A 331 -11.99 -19.68 -22.94
N THR A 332 -11.02 -19.55 -22.04
CA THR A 332 -11.31 -19.46 -20.61
C THR A 332 -11.59 -18.03 -20.15
N LEU A 333 -11.34 -17.06 -21.05
CA LEU A 333 -11.56 -15.65 -20.74
C LEU A 333 -12.66 -15.03 -21.60
N ARG A 334 -13.29 -15.85 -22.44
CA ARG A 334 -14.31 -15.41 -23.40
C ARG A 334 -13.84 -14.19 -24.19
N LEU A 335 -12.62 -14.27 -24.72
CA LEU A 335 -11.93 -13.12 -25.32
C LEU A 335 -11.57 -13.35 -26.79
N ASN A 336 -11.96 -14.50 -27.33
CA ASN A 336 -11.61 -14.89 -28.71
C ASN A 336 -11.62 -13.75 -29.73
N GLN A 337 -10.43 -13.35 -30.17
CA GLN A 337 -10.26 -12.33 -31.19
C GLN A 337 -9.22 -12.80 -32.23
N PRO A 338 -9.27 -12.25 -33.45
CA PRO A 338 -8.33 -12.63 -34.51
C PRO A 338 -6.90 -12.18 -34.23
N GLY A 339 -6.31 -12.73 -33.16
CA GLY A 339 -5.00 -12.30 -32.70
C GLY A 339 -5.10 -11.08 -31.79
N THR B 5 -19.61 23.17 14.18
CA THR B 5 -20.98 23.63 13.82
C THR B 5 -21.48 22.93 12.53
N GLN B 6 -22.74 23.15 12.18
CA GLN B 6 -23.40 22.31 11.19
C GLN B 6 -23.63 22.91 9.81
N LYS B 7 -23.36 22.08 8.80
CA LYS B 7 -23.28 22.45 7.39
C LYS B 7 -24.61 22.39 6.65
N ALA B 8 -25.69 22.82 7.32
CA ALA B 8 -27.01 22.86 6.69
C ALA B 8 -27.01 23.79 5.47
N LYS B 9 -26.02 24.67 5.44
CA LYS B 9 -25.80 25.64 4.36
C LYS B 9 -25.69 24.99 2.97
N VAL B 10 -25.15 23.78 2.93
CA VAL B 10 -25.01 23.03 1.68
C VAL B 10 -25.95 21.81 1.62
N GLY B 11 -25.74 20.97 0.62
CA GLY B 11 -26.45 19.71 0.49
C GLY B 11 -25.69 18.74 -0.40
N GLU B 12 -26.41 18.14 -1.36
CA GLU B 12 -25.84 17.17 -2.29
C GLU B 12 -24.71 17.80 -3.09
N LEU B 13 -23.66 17.02 -3.31
CA LEU B 13 -22.48 17.54 -4.00
C LEU B 13 -22.16 16.72 -5.24
N LYS B 14 -21.96 17.42 -6.35
CA LYS B 14 -21.47 16.83 -7.58
C LYS B 14 -20.04 17.31 -7.83
N ASP B 15 -19.45 16.88 -8.95
CA ASP B 15 -18.05 17.19 -9.24
C ASP B 15 -17.78 18.65 -9.61
N ASP B 16 -18.62 19.19 -10.50
CA ASP B 16 -18.42 20.52 -11.09
C ASP B 16 -18.44 21.66 -10.07
N ASP B 17 -19.26 21.50 -9.04
CA ASP B 17 -19.46 22.53 -8.00
C ASP B 17 -18.16 22.94 -7.30
N PHE B 18 -17.11 22.15 -7.46
CA PHE B 18 -15.83 22.40 -6.79
C PHE B 18 -14.79 23.08 -7.68
N GLU B 19 -13.93 23.87 -7.06
CA GLU B 19 -12.88 24.62 -7.76
C GLU B 19 -11.59 24.58 -6.92
N ARG B 20 -10.49 24.12 -7.53
CA ARG B 20 -9.23 23.94 -6.83
C ARG B 20 -8.61 25.26 -6.36
N ILE B 21 -8.23 25.33 -5.08
CA ILE B 21 -7.61 26.53 -4.51
C ILE B 21 -6.14 26.29 -4.15
N SER B 22 -5.85 25.11 -3.59
CA SER B 22 -4.49 24.73 -3.19
C SER B 22 -4.31 23.21 -3.11
N GLU B 23 -3.06 22.79 -2.90
CA GLU B 23 -2.72 21.39 -2.75
C GLU B 23 -2.34 21.13 -1.29
N LEU B 24 -3.01 20.17 -0.67
CA LEU B 24 -2.84 19.91 0.75
C LEU B 24 -1.89 18.76 1.07
N GLY B 25 -2.07 17.63 0.38
CA GLY B 25 -1.24 16.45 0.61
C GLY B 25 -1.55 15.24 -0.24
N ALA B 26 -0.66 14.26 -0.18
CA ALA B 26 -0.82 12.99 -0.87
C ALA B 26 -0.38 11.84 0.05
N GLY B 27 -1.07 10.70 -0.07
CA GLY B 27 -0.75 9.52 0.71
C GLY B 27 -0.91 8.23 -0.09
N ASN B 28 -0.92 7.11 0.63
CA ASN B 28 -1.10 5.79 0.03
C ASN B 28 -2.51 5.56 -0.50
N GLY B 29 -2.73 5.99 -1.74
CA GLY B 29 -4.05 5.94 -2.36
C GLY B 29 -4.92 7.08 -1.89
N GLY B 30 -4.49 8.30 -2.17
CA GLY B 30 -5.20 9.49 -1.74
C GLY B 30 -4.51 10.83 -1.95
N VAL B 31 -5.19 11.75 -2.63
CA VAL B 31 -4.75 13.13 -2.76
C VAL B 31 -5.82 14.06 -2.17
N VAL B 32 -5.38 14.97 -1.31
CA VAL B 32 -6.29 15.92 -0.64
C VAL B 32 -6.02 17.35 -1.12
N THR B 33 -7.10 18.08 -1.38
CA THR B 33 -6.99 19.42 -1.97
C THR B 33 -7.96 20.41 -1.34
N LYS B 34 -7.48 21.64 -1.14
CA LYS B 34 -8.32 22.74 -0.70
C LYS B 34 -9.23 23.15 -1.87
N VAL B 35 -10.54 23.09 -1.67
CA VAL B 35 -11.50 23.45 -2.70
C VAL B 35 -12.65 24.30 -2.15
N GLN B 36 -13.37 24.96 -3.05
CA GLN B 36 -14.54 25.76 -2.69
C GLN B 36 -15.79 25.16 -3.31
N HIS B 37 -16.89 25.16 -2.56
CA HIS B 37 -18.19 24.75 -3.08
C HIS B 37 -18.86 25.92 -3.78
N ARG B 38 -19.54 25.64 -4.89
CA ARG B 38 -20.27 26.67 -5.64
C ARG B 38 -21.41 27.29 -4.82
N PRO B 39 -22.41 26.48 -4.44
CA PRO B 39 -23.63 27.00 -3.77
C PRO B 39 -23.33 27.83 -2.54
N SER B 40 -22.41 27.36 -1.70
CA SER B 40 -22.01 28.09 -0.50
C SER B 40 -20.50 28.22 -0.48
N GLY B 41 -20.02 29.44 -0.29
CA GLY B 41 -18.60 29.73 -0.34
C GLY B 41 -17.81 29.14 0.81
N LEU B 42 -17.83 27.82 0.91
CA LEU B 42 -17.16 27.12 2.00
C LEU B 42 -15.89 26.43 1.54
N ILE B 43 -14.78 26.75 2.19
CA ILE B 43 -13.54 26.05 1.95
C ILE B 43 -13.57 24.70 2.66
N MET B 44 -13.59 23.64 1.86
CA MET B 44 -13.57 22.27 2.38
C MET B 44 -12.46 21.46 1.72
N ALA B 45 -11.81 20.60 2.49
CA ALA B 45 -10.77 19.73 1.94
C ALA B 45 -11.38 18.56 1.17
N ARG B 46 -10.86 18.31 -0.02
CA ARG B 46 -11.36 17.27 -0.90
C ARG B 46 -10.42 16.09 -0.94
N LYS B 47 -10.91 14.91 -0.57
CA LYS B 47 -10.10 13.70 -0.58
C LYS B 47 -10.42 12.80 -1.76
N LEU B 48 -9.53 12.86 -2.76
CA LEU B 48 -9.60 12.01 -3.94
C LEU B 48 -8.99 10.67 -3.61
N ILE B 49 -9.78 9.60 -3.78
CA ILE B 49 -9.25 8.25 -3.64
C ILE B 49 -9.35 7.50 -4.97
N HIS B 50 -8.20 7.42 -5.65
CA HIS B 50 -8.09 6.79 -6.97
C HIS B 50 -8.16 5.27 -6.85
N LEU B 51 -9.21 4.69 -7.45
CA LEU B 51 -9.53 3.28 -7.21
C LEU B 51 -10.20 2.60 -8.41
N GLU B 52 -10.18 1.27 -8.38
CA GLU B 52 -10.81 0.45 -9.41
C GLU B 52 -11.71 -0.63 -8.81
N ILE B 53 -13.02 -0.41 -8.90
CA ILE B 53 -14.00 -1.39 -8.45
C ILE B 53 -15.27 -1.35 -9.29
N LYS B 54 -15.87 -2.54 -9.47
CA LYS B 54 -17.07 -2.75 -10.27
C LYS B 54 -18.17 -1.71 -10.00
N PRO B 55 -18.89 -1.27 -11.03
CA PRO B 55 -20.12 -0.50 -10.86
C PRO B 55 -21.22 -1.36 -10.18
N ALA B 56 -21.05 -1.55 -8.88
CA ALA B 56 -21.93 -2.38 -8.06
C ALA B 56 -21.71 -2.11 -6.57
N ILE B 57 -20.45 -2.20 -6.15
CA ILE B 57 -20.09 -1.96 -4.74
C ILE B 57 -19.44 -0.59 -4.49
N ARG B 58 -19.20 0.16 -5.56
CA ARG B 58 -18.77 1.56 -5.47
C ARG B 58 -19.90 2.39 -4.84
N ASN B 59 -21.13 1.99 -5.15
CA ASN B 59 -22.31 2.50 -4.45
C ASN B 59 -22.27 2.03 -3.00
N GLN B 60 -21.99 0.74 -2.82
CA GLN B 60 -21.91 0.12 -1.49
C GLN B 60 -20.81 0.73 -0.63
N ILE B 61 -19.75 1.23 -1.27
CA ILE B 61 -18.69 1.94 -0.58
C ILE B 61 -19.16 3.35 -0.17
N ILE B 62 -19.91 4.00 -1.07
CA ILE B 62 -20.51 5.29 -0.78
C ILE B 62 -21.57 5.15 0.32
N ARG B 63 -22.38 4.10 0.22
CA ARG B 63 -23.45 3.81 1.18
C ARG B 63 -22.92 3.65 2.60
N GLU B 64 -21.80 2.93 2.73
CA GLU B 64 -21.18 2.69 4.03
C GLU B 64 -20.47 3.93 4.55
N LEU B 65 -20.06 4.80 3.64
CA LEU B 65 -19.43 6.08 3.98
C LEU B 65 -20.45 7.13 4.43
N GLN B 66 -21.73 6.83 4.27
CA GLN B 66 -22.79 7.78 4.57
C GLN B 66 -23.04 7.93 6.07
N VAL B 67 -22.56 6.97 6.86
CA VAL B 67 -22.69 7.03 8.32
C VAL B 67 -21.78 8.09 8.92
N LEU B 68 -20.91 8.65 8.10
CA LEU B 68 -20.02 9.73 8.53
C LEU B 68 -20.83 10.98 8.80
N HIS B 69 -21.96 11.10 8.09
CA HIS B 69 -22.93 12.16 8.32
C HIS B 69 -23.48 12.07 9.75
N GLU B 70 -23.50 10.85 10.28
CA GLU B 70 -23.96 10.59 11.64
C GLU B 70 -22.85 10.80 12.69
N CYS B 71 -21.62 11.00 12.21
CA CYS B 71 -20.48 11.26 13.10
C CYS B 71 -20.29 12.75 13.33
N ASN B 72 -20.70 13.21 14.51
CA ASN B 72 -20.55 14.61 14.89
C ASN B 72 -20.00 14.78 16.31
N SER B 73 -18.75 15.22 16.38
CA SER B 73 -18.09 15.54 17.64
C SER B 73 -17.00 16.59 17.36
N PRO B 74 -16.80 17.54 18.26
CA PRO B 74 -15.74 18.53 18.13
C PRO B 74 -14.32 17.94 18.06
N TYR B 75 -14.21 16.62 18.11
CA TYR B 75 -12.92 15.92 18.02
C TYR B 75 -12.85 15.01 16.81
N ILE B 76 -13.98 14.81 16.15
CA ILE B 76 -14.00 14.09 14.89
C ILE B 76 -14.14 15.13 13.80
N VAL B 77 -13.32 15.00 12.76
CA VAL B 77 -13.33 15.94 11.64
C VAL B 77 -14.69 15.95 10.96
N GLY B 78 -15.18 17.14 10.65
CA GLY B 78 -16.46 17.30 10.00
C GLY B 78 -16.47 16.69 8.62
N PHE B 79 -17.55 15.99 8.30
CA PHE B 79 -17.70 15.33 7.01
C PHE B 79 -18.84 15.99 6.22
N TYR B 80 -18.52 16.63 5.10
CA TYR B 80 -19.52 17.28 4.25
C TYR B 80 -20.27 16.28 3.37
N GLY B 81 -19.54 15.55 2.52
CA GLY B 81 -20.17 14.59 1.64
C GLY B 81 -19.23 13.76 0.80
N ALA B 82 -19.75 12.65 0.30
CA ALA B 82 -18.98 11.68 -0.50
C ALA B 82 -19.78 11.18 -1.71
N PHE B 83 -19.07 11.02 -2.83
CA PHE B 83 -19.69 10.66 -4.11
C PHE B 83 -18.74 9.90 -5.03
N TYR B 84 -19.30 9.33 -6.10
CA TYR B 84 -18.50 8.67 -7.14
C TYR B 84 -18.25 9.62 -8.31
N SER B 85 -16.97 9.77 -8.64
CA SER B 85 -16.56 10.57 -9.80
C SER B 85 -15.88 9.68 -10.84
N ASP B 86 -15.84 10.16 -12.09
CA ASP B 86 -15.25 9.42 -13.20
C ASP B 86 -13.75 9.23 -12.98
N GLY B 87 -13.41 8.17 -12.24
CA GLY B 87 -12.03 7.87 -11.92
C GLY B 87 -11.77 7.59 -10.44
N GLU B 88 -12.44 8.36 -9.57
CA GLU B 88 -12.16 8.33 -8.13
C GLU B 88 -13.40 8.59 -7.26
N ILE B 89 -13.34 8.18 -5.98
CA ILE B 89 -14.34 8.54 -4.99
C ILE B 89 -13.84 9.67 -4.11
N SER B 90 -14.62 10.75 -4.05
CA SER B 90 -14.24 11.91 -3.29
C SER B 90 -14.88 11.89 -1.92
N ILE B 91 -14.15 12.39 -0.93
CA ILE B 91 -14.70 12.66 0.39
C ILE B 91 -14.38 14.10 0.73
N CYS B 92 -15.42 14.91 0.83
CA CYS B 92 -15.25 16.32 1.15
C CYS B 92 -15.48 16.51 2.64
N MET B 93 -14.51 17.07 3.33
CA MET B 93 -14.56 17.21 4.77
C MET B 93 -14.20 18.62 5.23
N GLU B 94 -14.47 18.90 6.50
CA GLU B 94 -14.14 20.18 7.14
C GLU B 94 -12.67 20.51 6.85
N HIS B 95 -12.41 21.74 6.39
CA HIS B 95 -11.04 22.15 6.09
C HIS B 95 -10.30 22.60 7.34
N MET B 96 -9.29 21.81 7.72
CA MET B 96 -8.45 22.13 8.86
C MET B 96 -7.19 22.88 8.40
N ASP B 97 -7.14 24.16 8.76
CA ASP B 97 -6.09 25.07 8.31
C ASP B 97 -4.74 24.89 9.01
N GLY B 98 -4.72 24.11 10.08
CA GLY B 98 -3.48 23.76 10.75
C GLY B 98 -2.86 22.49 10.17
N GLY B 99 -3.57 21.87 9.23
CA GLY B 99 -3.12 20.65 8.61
C GLY B 99 -2.96 19.50 9.58
N SER B 100 -1.88 18.74 9.43
CA SER B 100 -1.65 17.57 10.25
C SER B 100 -0.66 17.84 11.38
N LEU B 101 -0.62 16.96 12.36
CA LEU B 101 0.23 17.15 13.53
C LEU B 101 1.71 16.94 13.22
N ASP B 102 2.01 16.09 12.24
CA ASP B 102 3.40 15.91 11.80
C ASP B 102 3.81 17.07 10.91
N GLN B 103 2.82 17.65 10.22
CA GLN B 103 3.05 18.87 9.44
C GLN B 103 3.58 19.95 10.38
N VAL B 104 2.87 20.18 11.48
CA VAL B 104 3.29 21.18 12.46
C VAL B 104 4.55 20.73 13.19
N LEU B 105 4.77 19.42 13.25
CA LEU B 105 6.00 18.89 13.81
C LEU B 105 7.15 19.12 12.86
N LYS B 106 6.84 19.18 11.56
CA LYS B 106 7.85 19.46 10.56
C LYS B 106 8.41 20.87 10.75
N GLU B 107 7.54 21.81 11.15
CA GLU B 107 7.97 23.17 11.44
C GLU B 107 8.58 23.27 12.85
N ALA B 108 7.77 23.07 13.88
CA ALA B 108 8.26 23.06 15.26
C ALA B 108 9.02 21.78 15.53
N LYS B 109 10.32 21.90 15.78
CA LYS B 109 11.23 20.76 15.89
C LYS B 109 10.68 19.63 16.80
N ARG B 110 10.17 20.01 17.98
CA ARG B 110 9.43 19.10 18.83
C ARG B 110 8.12 19.78 19.28
N ILE B 111 7.21 19.02 19.88
CA ILE B 111 5.98 19.61 20.42
C ILE B 111 5.93 19.50 21.95
N PRO B 112 5.66 20.63 22.62
CA PRO B 112 5.77 20.70 24.08
C PRO B 112 4.62 19.99 24.80
N GLU B 113 4.93 19.48 26.00
CA GLU B 113 4.01 18.68 26.80
C GLU B 113 2.65 19.30 26.93
N GLU B 114 2.60 20.56 27.35
CA GLU B 114 1.34 21.30 27.49
C GLU B 114 0.43 21.07 26.28
N ILE B 115 1.01 21.19 25.09
CA ILE B 115 0.27 20.96 23.86
C ILE B 115 -0.08 19.49 23.75
N LEU B 116 0.89 18.63 24.04
CA LEU B 116 0.68 17.18 23.92
C LEU B 116 -0.43 16.69 24.85
N GLY B 117 -0.56 17.34 26.01
CA GLY B 117 -1.67 17.10 26.90
C GLY B 117 -3.00 17.43 26.25
N LYS B 118 -3.07 18.57 25.57
CA LYS B 118 -4.29 18.97 24.85
C LYS B 118 -4.58 18.02 23.69
N VAL B 119 -3.53 17.47 23.09
CA VAL B 119 -3.66 16.50 22.02
C VAL B 119 -4.21 15.17 22.55
N SER B 120 -3.57 14.66 23.60
CA SER B 120 -3.96 13.41 24.24
C SER B 120 -5.44 13.40 24.59
N ILE B 121 -5.89 14.49 25.23
CA ILE B 121 -7.31 14.68 25.51
C ILE B 121 -8.11 14.49 24.22
N ALA B 122 -7.91 15.38 23.25
CA ALA B 122 -8.70 15.40 22.03
C ALA B 122 -8.75 14.07 21.29
N VAL B 123 -7.68 13.29 21.41
CA VAL B 123 -7.65 11.95 20.81
C VAL B 123 -8.44 10.98 21.67
N LEU B 124 -8.12 10.95 22.96
CA LEU B 124 -8.82 10.07 23.90
C LEU B 124 -10.34 10.24 23.80
N ARG B 125 -10.79 11.47 23.66
CA ARG B 125 -12.21 11.77 23.56
C ARG B 125 -12.73 11.35 22.20
N GLY B 126 -11.99 11.71 21.16
CA GLY B 126 -12.32 11.33 19.80
C GLY B 126 -12.44 9.83 19.66
N LEU B 127 -11.47 9.10 20.22
CA LEU B 127 -11.50 7.64 20.28
C LEU B 127 -12.77 7.15 20.96
N ALA B 128 -13.05 7.71 22.13
CA ALA B 128 -14.21 7.35 22.94
C ALA B 128 -15.51 7.62 22.20
N TYR B 129 -15.54 8.68 21.40
CA TYR B 129 -16.73 9.02 20.64
C TYR B 129 -17.12 7.89 19.69
N LEU B 130 -16.20 7.51 18.81
CA LEU B 130 -16.46 6.46 17.82
C LEU B 130 -16.79 5.11 18.46
N ARG B 131 -16.29 4.90 19.68
CA ARG B 131 -16.48 3.65 20.42
C ARG B 131 -17.83 3.63 21.11
N GLU B 132 -18.14 4.71 21.82
CA GLU B 132 -19.40 4.84 22.55
C GLU B 132 -20.56 5.02 21.58
N LYS B 133 -20.41 5.95 20.63
CA LYS B 133 -21.54 6.41 19.81
C LYS B 133 -21.70 5.72 18.46
N HIS B 134 -20.70 4.94 18.04
CA HIS B 134 -20.72 4.32 16.72
C HIS B 134 -20.17 2.88 16.68
N GLN B 135 -19.63 2.43 17.82
CA GLN B 135 -19.11 1.07 17.98
C GLN B 135 -18.01 0.73 16.98
N ILE B 136 -17.11 1.69 16.73
CA ILE B 136 -16.01 1.45 15.79
C ILE B 136 -14.69 2.07 16.23
N MET B 137 -13.61 1.33 16.00
CA MET B 137 -12.27 1.80 16.32
C MET B 137 -11.61 2.58 15.17
N HIS B 138 -10.68 3.46 15.54
CA HIS B 138 -9.97 4.30 14.59
C HIS B 138 -8.70 3.59 14.17
N ARG B 139 -8.81 2.63 13.25
CA ARG B 139 -7.71 1.68 13.02
C ARG B 139 -6.44 2.27 12.37
N ASP B 140 -6.35 3.60 12.37
CA ASP B 140 -5.21 4.29 11.77
C ASP B 140 -4.92 5.61 12.47
N VAL B 141 -4.54 5.54 13.75
CA VAL B 141 -4.16 6.73 14.48
C VAL B 141 -2.66 6.99 14.26
N LYS B 142 -2.35 8.21 13.83
CA LYS B 142 -0.97 8.67 13.66
C LYS B 142 -0.97 10.19 13.52
N PRO B 143 0.19 10.82 13.67
CA PRO B 143 0.29 12.29 13.59
C PRO B 143 -0.33 12.88 12.33
N SER B 144 -0.26 12.16 11.21
CA SER B 144 -0.85 12.61 9.94
C SER B 144 -2.37 12.51 9.92
N ASN B 145 -2.93 11.86 10.94
CA ASN B 145 -4.37 11.67 11.02
C ASN B 145 -4.99 12.43 12.19
N ILE B 146 -4.21 13.32 12.79
CA ILE B 146 -4.70 14.23 13.80
C ILE B 146 -4.62 15.65 13.22
N LEU B 147 -5.77 16.20 12.89
CA LEU B 147 -5.87 17.47 12.21
C LEU B 147 -6.15 18.63 13.17
N VAL B 148 -5.39 19.72 13.04
CA VAL B 148 -5.57 20.90 13.89
C VAL B 148 -6.04 22.13 13.11
N ASN B 149 -6.51 23.15 13.80
CA ASN B 149 -6.81 24.45 13.16
C ASN B 149 -6.64 25.69 14.06
N SER B 150 -6.62 26.87 13.41
CA SER B 150 -6.40 28.15 14.08
C SER B 150 -7.45 28.48 15.17
N ARG B 151 -8.59 27.79 15.13
CA ARG B 151 -9.63 27.92 16.15
C ARG B 151 -9.19 27.29 17.49
N GLY B 152 -8.11 26.50 17.46
CA GLY B 152 -7.56 25.88 18.64
C GLY B 152 -7.97 24.42 18.80
N GLU B 153 -8.64 23.89 17.77
CA GLU B 153 -9.20 22.55 17.80
C GLU B 153 -8.24 21.48 17.31
N ILE B 154 -8.26 20.35 18.00
CA ILE B 154 -7.50 19.18 17.61
C ILE B 154 -8.52 18.09 17.30
N LYS B 155 -8.51 17.60 16.06
CA LYS B 155 -9.53 16.65 15.61
C LYS B 155 -8.94 15.40 14.93
N LEU B 156 -9.63 14.27 15.10
CA LEU B 156 -9.22 13.01 14.50
C LEU B 156 -9.80 12.86 13.11
N CYS B 157 -9.05 12.17 12.24
CA CYS B 157 -9.39 12.02 10.83
C CYS B 157 -9.11 10.60 10.35
N ASP B 158 -9.72 10.24 9.21
CA ASP B 158 -9.43 8.99 8.48
C ASP B 158 -9.60 7.70 9.28
N PHE B 159 -10.81 7.46 9.77
CA PHE B 159 -11.11 6.22 10.49
C PHE B 159 -11.96 5.32 9.60
N GLY B 160 -11.80 4.00 9.80
CA GLY B 160 -12.48 3.02 8.96
C GLY B 160 -13.93 2.81 9.31
N VAL B 161 -14.79 3.73 8.90
CA VAL B 161 -16.23 3.58 9.08
C VAL B 161 -16.75 2.54 8.10
N SER B 162 -16.14 2.53 6.91
CA SER B 162 -16.54 1.66 5.83
C SER B 162 -15.71 0.39 5.82
N GLY B 163 -16.33 -0.73 6.17
CA GLY B 163 -15.68 -2.03 6.14
C GLY B 163 -15.17 -2.42 4.76
N GLN B 164 -15.94 -2.09 3.73
CA GLN B 164 -15.60 -2.45 2.34
C GLN B 164 -14.69 -1.42 1.64
N LEU B 165 -14.38 -0.32 2.31
CA LEU B 165 -13.33 0.59 1.85
C LEU B 165 -11.99 -0.01 2.21
N ILE B 166 -11.90 -0.55 3.42
CA ILE B 166 -10.72 -1.25 3.92
C ILE B 166 -10.35 -2.42 2.98
N ASP B 167 -11.36 -3.25 2.67
CA ASP B 167 -11.19 -4.42 1.81
C ASP B 167 -10.76 -4.03 0.40
N SER B 168 -11.30 -2.92 -0.11
CA SER B 168 -10.96 -2.40 -1.43
C SER B 168 -9.61 -1.66 -1.45
N MET B 169 -8.92 -1.65 -0.31
CA MET B 169 -7.58 -1.07 -0.21
C MET B 169 -6.61 -2.08 0.39
N THR B 176 8.07 3.69 5.44
CA THR B 176 9.22 3.97 6.31
C THR B 176 8.88 3.87 7.80
N ARG B 177 7.65 4.26 8.16
CA ARG B 177 7.17 4.20 9.54
C ARG B 177 5.98 3.24 9.69
N SER B 178 5.77 2.75 10.91
CA SER B 178 4.57 1.97 11.22
C SER B 178 4.11 2.28 12.63
N TYR B 179 2.82 2.52 12.78
CA TYR B 179 2.24 2.85 14.08
C TYR B 179 1.38 1.72 14.64
N MET B 180 1.29 0.63 13.88
CA MET B 180 0.47 -0.51 14.26
C MET B 180 0.97 -1.20 15.52
N ALA B 181 0.03 -1.81 16.24
CA ALA B 181 0.30 -2.41 17.54
C ALA B 181 0.85 -3.82 17.40
N PRO B 182 1.60 -4.29 18.41
CA PRO B 182 2.11 -5.66 18.42
C PRO B 182 1.03 -6.66 18.05
N GLU B 183 -0.12 -6.61 18.71
CA GLU B 183 -1.19 -7.59 18.50
C GLU B 183 -1.76 -7.55 17.08
N ARG B 184 -1.61 -6.41 16.42
CA ARG B 184 -2.13 -6.25 15.07
C ARG B 184 -1.21 -6.86 14.04
N LEU B 185 0.08 -6.96 14.38
CA LEU B 185 1.07 -7.53 13.49
C LEU B 185 1.23 -9.02 13.76
N GLN B 186 1.22 -9.40 15.03
CA GLN B 186 1.47 -10.78 15.46
C GLN B 186 0.44 -11.78 14.97
N GLY B 187 -0.81 -11.35 14.85
CA GLY B 187 -1.88 -12.20 14.37
C GLY B 187 -3.25 -11.81 14.88
N THR B 188 -3.79 -12.64 15.79
CA THR B 188 -5.15 -12.49 16.32
C THR B 188 -5.25 -11.57 17.54
N HIS B 189 -6.45 -11.46 18.10
CA HIS B 189 -6.75 -10.64 19.29
C HIS B 189 -6.41 -9.16 19.09
N TYR B 190 -7.28 -8.41 18.39
CA TYR B 190 -7.06 -6.98 18.16
C TYR B 190 -8.33 -6.13 18.24
N SER B 191 -8.31 -5.13 19.12
CA SER B 191 -9.47 -4.28 19.35
C SER B 191 -9.10 -2.81 19.54
N VAL B 192 -9.88 -2.10 20.36
CA VAL B 192 -9.66 -0.69 20.65
C VAL B 192 -8.40 -0.45 21.50
N GLN B 193 -7.75 -1.53 21.93
CA GLN B 193 -6.47 -1.43 22.62
C GLN B 193 -5.34 -1.07 21.64
N SER B 194 -5.53 -1.40 20.38
CA SER B 194 -4.57 -1.11 19.32
C SER B 194 -4.36 0.38 19.10
N ASP B 195 -5.44 1.15 19.20
CA ASP B 195 -5.37 2.58 18.95
C ASP B 195 -4.66 3.30 20.11
N ILE B 196 -4.75 2.71 21.31
CA ILE B 196 -4.04 3.22 22.47
C ILE B 196 -2.54 3.20 22.15
N TRP B 197 -2.03 2.05 21.71
CA TRP B 197 -0.65 1.90 21.27
C TRP B 197 -0.29 2.96 20.23
N SER B 198 -1.13 3.04 19.20
CA SER B 198 -0.96 4.02 18.13
C SER B 198 -0.76 5.41 18.71
N MET B 199 -1.72 5.85 19.52
CA MET B 199 -1.71 7.17 20.13
C MET B 199 -0.47 7.37 20.98
N GLY B 200 -0.12 6.33 21.72
CA GLY B 200 1.06 6.36 22.58
C GLY B 200 2.31 6.68 21.80
N LEU B 201 2.59 5.87 20.78
CA LEU B 201 3.76 6.07 19.93
C LEU B 201 3.74 7.46 19.28
N SER B 202 2.60 7.81 18.68
CA SER B 202 2.40 9.12 18.06
C SER B 202 2.76 10.28 18.98
N LEU B 203 2.44 10.16 20.26
CA LEU B 203 2.79 11.19 21.24
C LEU B 203 4.29 11.20 21.48
N VAL B 204 4.87 10.02 21.67
CA VAL B 204 6.33 9.87 21.84
C VAL B 204 7.11 10.39 20.64
N GLU B 205 6.53 10.28 19.44
CA GLU B 205 7.11 10.85 18.23
C GLU B 205 7.19 12.37 18.35
N LEU B 206 6.04 13.01 18.55
CA LEU B 206 5.98 14.48 18.64
C LEU B 206 6.75 15.01 19.86
N ALA B 207 6.91 14.15 20.87
CA ALA B 207 7.66 14.51 22.06
C ALA B 207 9.15 14.63 21.74
N VAL B 208 9.72 13.53 21.27
CA VAL B 208 11.16 13.44 21.01
C VAL B 208 11.54 14.22 19.76
N GLY B 209 10.75 14.09 18.70
CA GLY B 209 10.99 14.85 17.48
C GLY B 209 10.91 14.04 16.21
N ARG B 210 11.25 12.75 16.32
CA ARG B 210 11.14 11.83 15.19
C ARG B 210 10.44 10.51 15.55
N TYR B 211 10.15 9.71 14.53
CA TYR B 211 9.60 8.37 14.70
C TYR B 211 10.51 7.55 15.64
N PRO B 212 10.00 7.20 16.82
CA PRO B 212 10.84 6.71 17.92
C PRO B 212 11.00 5.19 18.03
N ILE B 213 10.64 4.42 17.00
CA ILE B 213 10.68 2.96 17.13
C ILE B 213 12.08 2.34 17.10
N PRO B 214 13.04 2.94 16.39
CA PRO B 214 14.43 2.82 16.81
C PRO B 214 14.59 3.81 17.97
N PRO B 215 14.55 3.33 19.22
CA PRO B 215 14.55 4.22 20.39
C PRO B 215 15.86 4.99 20.49
N PRO B 216 15.79 6.32 20.45
CA PRO B 216 16.99 7.17 20.46
C PRO B 216 17.95 6.85 21.59
N ASP B 217 19.25 6.82 21.26
CA ASP B 217 20.30 6.38 22.16
C ASP B 217 20.68 7.42 23.20
N ALA B 218 21.74 7.13 23.95
CA ALA B 218 22.24 8.01 25.00
C ALA B 218 22.57 9.43 24.53
N LYS B 219 22.94 9.58 23.25
CA LYS B 219 23.33 10.88 22.71
C LYS B 219 22.50 11.34 21.48
N GLU B 220 21.53 10.52 21.09
CA GLU B 220 20.67 10.84 19.94
C GLU B 220 19.84 12.09 20.18
N LEU B 221 19.15 12.11 21.33
CA LEU B 221 18.28 13.22 21.71
C LEU B 221 19.07 14.44 22.17
N GLU B 222 20.37 14.26 22.40
CA GLU B 222 21.26 15.32 22.85
C GLU B 222 21.35 16.48 21.85
N ALA B 223 21.02 16.21 20.59
CA ALA B 223 20.91 17.26 19.55
C ALA B 223 19.69 18.15 19.79
N ILE B 224 19.05 17.99 20.95
CA ILE B 224 17.91 18.80 21.37
C ILE B 224 18.08 19.40 22.79
N PHE B 225 18.79 18.69 23.68
CA PHE B 225 19.03 19.14 25.06
C PHE B 225 20.35 18.62 25.66
N GLY B 226 20.71 19.17 26.83
CA GLY B 226 21.99 18.89 27.49
C GLY B 226 22.15 17.47 28.03
N ARG B 227 21.32 17.10 29.00
CA ARG B 227 21.42 15.79 29.65
C ARG B 227 20.96 14.63 28.77
N MET B 262 15.78 -0.23 9.95
CA MET B 262 15.74 0.42 8.63
C MET B 262 14.95 -0.41 7.60
N ALA B 263 15.12 -1.74 7.65
CA ALA B 263 14.37 -2.66 6.78
C ALA B 263 12.94 -2.82 7.29
N ILE B 264 12.03 -3.20 6.40
CA ILE B 264 10.61 -3.32 6.75
C ILE B 264 10.28 -4.53 7.63
N PHE B 265 11.04 -5.60 7.48
CA PHE B 265 10.88 -6.77 8.32
C PHE B 265 11.56 -6.54 9.65
N GLU B 266 12.71 -5.86 9.61
CA GLU B 266 13.49 -5.53 10.78
C GLU B 266 12.68 -4.66 11.74
N LEU B 267 11.99 -3.68 11.16
CA LEU B 267 11.05 -2.82 11.85
C LEU B 267 10.00 -3.63 12.57
N LEU B 268 9.21 -4.38 11.80
CA LEU B 268 8.14 -5.21 12.35
C LEU B 268 8.65 -6.13 13.45
N ASP B 269 9.90 -6.58 13.31
CA ASP B 269 10.52 -7.44 14.32
C ASP B 269 10.76 -6.66 15.61
N TYR B 270 11.20 -5.42 15.48
CA TYR B 270 11.49 -4.58 16.63
C TYR B 270 10.22 -4.30 17.45
N ILE B 271 9.18 -3.84 16.76
CA ILE B 271 7.90 -3.55 17.40
C ILE B 271 7.37 -4.75 18.17
N VAL B 272 7.43 -5.92 17.54
CA VAL B 272 6.85 -7.15 18.08
C VAL B 272 7.68 -7.77 19.22
N ASN B 273 9.01 -7.74 19.07
CA ASN B 273 9.90 -8.51 19.93
C ASN B 273 10.83 -7.70 20.85
N GLU B 274 10.97 -6.41 20.58
CA GLU B 274 11.82 -5.55 21.40
C GLU B 274 11.01 -4.55 22.24
N PRO B 275 11.56 -4.13 23.39
CA PRO B 275 10.94 -3.11 24.24
C PRO B 275 10.43 -1.88 23.49
N PRO B 276 9.35 -1.28 24.00
CA PRO B 276 8.77 -0.09 23.38
C PRO B 276 9.58 1.17 23.71
N PRO B 277 9.42 2.22 22.92
CA PRO B 277 10.06 3.50 23.22
C PRO B 277 9.53 4.13 24.51
N LYS B 278 10.39 4.88 25.19
CA LYS B 278 10.05 5.58 26.41
C LYS B 278 10.38 7.05 26.22
N LEU B 279 9.73 7.91 26.98
CA LEU B 279 10.10 9.32 27.02
C LEU B 279 11.27 9.48 27.98
N PRO B 280 12.33 10.17 27.57
CA PRO B 280 13.53 10.34 28.40
C PRO B 280 13.19 11.12 29.68
N ASN B 281 13.59 10.58 30.84
CA ASN B 281 13.19 11.19 32.10
C ASN B 281 14.00 12.42 32.47
N GLY B 282 13.77 13.49 31.71
CA GLY B 282 14.46 14.75 31.94
C GLY B 282 13.54 15.92 31.76
N VAL B 283 13.23 16.21 30.50
CA VAL B 283 12.42 17.38 30.15
C VAL B 283 10.90 17.17 30.33
N PHE B 284 10.46 15.92 30.33
CA PHE B 284 9.04 15.58 30.47
C PHE B 284 8.72 15.16 31.90
N THR B 285 7.49 15.46 32.32
CA THR B 285 7.06 15.25 33.70
C THR B 285 6.75 13.78 33.97
N PRO B 286 7.13 13.29 35.15
CA PRO B 286 6.79 11.94 35.60
C PRO B 286 5.38 11.48 35.22
N ASP B 287 4.43 12.41 35.13
CA ASP B 287 3.05 12.05 34.83
C ASP B 287 2.80 11.84 33.33
N PHE B 288 3.47 12.63 32.49
CA PHE B 288 3.45 12.39 31.05
C PHE B 288 4.24 11.13 30.72
N GLN B 289 5.39 11.03 31.37
CA GLN B 289 6.22 9.83 31.35
C GLN B 289 5.36 8.58 31.53
N GLU B 290 4.58 8.56 32.61
CA GLU B 290 3.74 7.43 32.99
C GLU B 290 2.61 7.20 32.01
N PHE B 291 2.04 8.29 31.49
CA PHE B 291 0.95 8.22 30.54
C PHE B 291 1.32 7.38 29.31
N VAL B 292 2.36 7.79 28.59
CA VAL B 292 2.80 7.09 27.39
C VAL B 292 3.30 5.68 27.69
N ASN B 293 3.94 5.50 28.84
CA ASN B 293 4.42 4.19 29.26
C ASN B 293 3.27 3.24 29.53
N LYS B 294 2.08 3.81 29.75
CA LYS B 294 0.87 3.02 29.92
C LYS B 294 0.22 2.70 28.58
N CYS B 295 0.48 3.55 27.58
CA CYS B 295 -0.04 3.35 26.24
C CYS B 295 0.80 2.39 25.41
N LEU B 296 2.04 2.15 25.84
CA LEU B 296 2.96 1.33 25.06
C LEU B 296 3.39 0.06 25.78
N ILE B 297 2.46 -0.56 26.51
CA ILE B 297 2.69 -1.89 27.06
C ILE B 297 2.26 -2.87 25.98
N LYS B 298 3.15 -3.79 25.62
CA LYS B 298 2.93 -4.67 24.47
C LYS B 298 1.68 -5.55 24.58
N ASN B 299 1.54 -6.26 25.70
CA ASN B 299 0.31 -6.99 26.00
C ASN B 299 -0.88 -6.03 26.05
N PRO B 300 -1.83 -6.18 25.13
CA PRO B 300 -2.99 -5.28 25.09
C PRO B 300 -3.79 -5.29 26.39
N ALA B 301 -3.88 -6.44 27.04
CA ALA B 301 -4.63 -6.55 28.30
C ALA B 301 -3.97 -5.75 29.40
N GLU B 302 -2.64 -5.86 29.50
CA GLU B 302 -1.87 -5.11 30.48
C GLU B 302 -1.91 -3.61 30.18
N ARG B 303 -1.85 -3.27 28.89
CA ARG B 303 -1.94 -1.89 28.44
C ARG B 303 -3.17 -1.20 29.00
N ALA B 304 -3.00 0.07 29.37
CA ALA B 304 -4.09 0.88 29.89
C ALA B 304 -5.19 1.03 28.85
N ASP B 305 -6.43 1.14 29.30
CA ASP B 305 -7.54 1.34 28.37
C ASP B 305 -8.12 2.75 28.46
N LEU B 306 -9.07 3.04 27.58
CA LEU B 306 -9.64 4.38 27.43
C LEU B 306 -9.97 5.07 28.74
N LYS B 307 -10.69 4.38 29.63
CA LYS B 307 -11.11 4.98 30.90
C LYS B 307 -9.93 5.24 31.84
N MET B 308 -9.04 4.27 31.96
CA MET B 308 -7.85 4.42 32.79
C MET B 308 -7.03 5.65 32.39
N LEU B 309 -6.93 5.89 31.09
CA LEU B 309 -6.19 7.02 30.56
C LEU B 309 -6.94 8.32 30.74
N THR B 310 -8.25 8.28 30.47
CA THR B 310 -9.09 9.48 30.53
C THR B 310 -9.20 10.05 31.93
N ASN B 311 -8.89 9.22 32.93
CA ASN B 311 -8.88 9.63 34.32
C ASN B 311 -7.48 9.57 34.90
N HIS B 312 -6.49 9.51 34.02
CA HIS B 312 -5.08 9.54 34.43
C HIS B 312 -4.75 10.96 34.86
N THR B 313 -3.88 11.08 35.85
CA THR B 313 -3.54 12.37 36.45
C THR B 313 -3.01 13.38 35.44
N PHE B 314 -2.26 12.91 34.46
CA PHE B 314 -1.73 13.73 33.37
C PHE B 314 -2.86 14.39 32.57
N ILE B 315 -3.89 13.60 32.24
CA ILE B 315 -5.05 14.09 31.50
C ILE B 315 -5.83 15.12 32.32
N LYS B 316 -6.03 14.83 33.60
CA LYS B 316 -6.79 15.71 34.49
C LYS B 316 -6.08 17.03 34.63
N ARG B 317 -4.77 16.97 34.86
CA ARG B 317 -3.91 18.14 34.97
C ARG B 317 -3.93 18.95 33.67
N SER B 318 -4.00 18.25 32.55
CA SER B 318 -4.03 18.89 31.24
C SER B 318 -5.40 19.51 30.99
N GLU B 319 -6.44 18.91 31.58
CA GLU B 319 -7.82 19.31 31.33
C GLU B 319 -8.13 20.72 31.85
N VAL B 320 -7.46 21.11 32.92
CA VAL B 320 -7.71 22.41 33.54
C VAL B 320 -6.63 23.43 33.23
N GLU B 321 -5.61 22.99 32.51
CA GLU B 321 -4.50 23.88 32.15
C GLU B 321 -4.95 24.89 31.10
N GLU B 322 -4.37 26.09 31.22
CA GLU B 322 -4.65 27.21 30.32
C GLU B 322 -3.50 27.35 29.32
N VAL B 323 -3.78 27.02 28.06
CA VAL B 323 -2.78 27.05 27.00
C VAL B 323 -3.34 27.70 25.74
N ASP B 324 -2.67 28.75 25.27
CA ASP B 324 -3.06 29.42 24.03
C ASP B 324 -2.63 28.56 22.83
N PHE B 325 -3.24 27.39 22.69
CA PHE B 325 -2.85 26.45 21.64
C PHE B 325 -3.08 27.02 20.24
N ALA B 326 -4.19 27.73 20.06
CA ALA B 326 -4.44 28.47 18.83
C ALA B 326 -3.32 29.48 18.57
N GLY B 327 -2.80 30.07 19.65
CA GLY B 327 -1.72 31.04 19.59
C GLY B 327 -0.38 30.42 19.24
N TRP B 328 -0.02 29.36 19.95
CA TRP B 328 1.21 28.61 19.66
C TRP B 328 1.20 28.12 18.21
N LEU B 329 0.03 27.71 17.74
CA LEU B 329 -0.12 27.25 16.36
C LEU B 329 0.25 28.35 15.38
N CYS B 330 -0.37 29.52 15.53
CA CYS B 330 -0.13 30.64 14.63
C CYS B 330 1.27 31.23 14.77
N LYS B 331 1.86 31.09 15.95
CA LYS B 331 3.24 31.52 16.20
C LYS B 331 4.25 30.73 15.36
N THR B 332 3.88 29.51 14.99
CA THR B 332 4.74 28.64 14.18
C THR B 332 4.28 28.56 12.72
N LEU B 333 3.04 28.11 12.51
CA LEU B 333 2.50 27.93 11.15
C LEU B 333 2.32 29.22 10.34
N ARG B 334 2.25 30.37 11.03
CA ARG B 334 2.10 31.70 10.41
C ARG B 334 0.85 31.84 9.54
N LEU B 335 -0.32 31.95 10.18
CA LEU B 335 -1.57 32.29 9.50
C LEU B 335 -2.54 33.05 10.42
MG MG C . 2.31 -3.91 -10.53
PG ATP D . 1.94 -3.62 -7.78
O1G ATP D . 3.22 -4.31 -7.42
O2G ATP D . 2.12 -2.34 -8.55
O3G ATP D . 0.96 -3.55 -6.64
PB ATP D . -0.30 -4.59 -9.17
O1B ATP D . -0.44 -5.16 -10.55
O2B ATP D . -1.07 -5.19 -8.01
O3B ATP D . 1.27 -4.65 -8.81
PA ATP D . -0.44 -2.14 -10.55
O1A ATP D . -0.75 -0.71 -10.21
O2A ATP D . 0.91 -2.49 -11.13
O3A ATP D . -0.64 -3.02 -9.21
O5' ATP D . -1.56 -2.70 -11.57
C5' ATP D . -2.90 -2.94 -11.17
C4' ATP D . -3.64 -3.69 -12.26
O4' ATP D . -3.51 -3.01 -13.51
C3' ATP D . -3.10 -5.09 -12.50
O3' ATP D . -3.87 -6.04 -11.78
C2' ATP D . -3.19 -5.32 -13.99
O2' ATP D . -4.29 -6.16 -14.28
C1' ATP D . -3.47 -3.95 -14.59
N9 ATP D . -2.42 -3.59 -15.58
C8 ATP D . -1.18 -3.13 -15.30
N7 ATP D . -0.48 -2.89 -16.44
C5 ATP D . -1.28 -3.21 -17.47
C6 ATP D . -1.17 -3.19 -18.95
N6 ATP D . -0.02 -2.79 -19.56
N1 ATP D . -2.23 -3.59 -19.67
C2 ATP D . -3.37 -3.99 -19.07
N3 ATP D . -3.54 -4.03 -17.73
C4 ATP D . -2.55 -3.66 -16.90
I1 5EA E . 7.20 -1.88 -19.52
C23 5EA E . 7.27 -1.02 -17.62
C21 5EA E . 8.42 -1.13 -16.85
C16 5EA E . 8.51 -0.58 -15.56
C19 5EA E . 6.14 -0.35 -17.12
C15 5EA E . 6.18 0.22 -15.86
F20 5EA E . 5.11 0.87 -15.37
C10 5EA E . 7.42 0.11 -15.03
N5 5EA E . 7.42 0.68 -13.79
C2 5EA E . 8.47 0.85 -12.96
C6 5EA E . 9.81 1.32 -13.44
F1 5EA E . 10.04 1.57 -14.74
C11 5EA E . 10.91 1.48 -12.45
F17 5EA E . 12.12 1.89 -12.86
C9 5EA E . 10.67 1.22 -11.11
C4 5EA E . 9.43 0.79 -10.65
C1 5EA E . 8.33 0.61 -11.49
C3 5EA E . 7.04 0.15 -10.86
O7 5EA E . 6.96 -0.23 -9.46
C13 5EA E . 5.54 -0.55 -9.43
N14 5EA E . 4.97 -0.36 -10.62
N8 5EA E . 5.86 0.05 -11.47
N18 5EA E . 4.93 -0.97 -8.33
C22 5EA E . 5.55 -1.88 -7.39
C24 5EA E . 6.33 -1.17 -6.27
N26 5EA E . 7.22 -2.17 -5.68
C27 5EA E . 6.62 -3.15 -4.78
C29 5EA E . 7.59 -4.17 -4.18
O31 5EA E . 8.99 -4.11 -4.51
C30 5EA E . 9.54 -3.13 -5.40
C28 5EA E . 8.64 -2.07 -6.03
MG MG F . -4.54 10.13 6.43
PG ATP G . -1.69 7.69 4.73
O1G ATP G . -0.92 6.63 5.47
O2G ATP G . -3.05 7.99 5.33
O3G ATP G . -1.67 7.50 3.24
PB ATP G . -1.51 10.48 4.97
O1B ATP G . -2.41 10.62 6.17
O2B ATP G . -0.42 11.50 4.75
O3B ATP G . -0.83 9.02 5.01
PA ATP G . -3.86 11.05 3.50
O1A ATP G . -4.29 10.94 2.05
O2A ATP G . -4.76 10.50 4.57
O3A ATP G . -2.40 10.38 3.63
O5' ATP G . -3.56 12.61 3.80
C5' ATP G . -2.68 13.36 2.97
C4' ATP G . -2.24 14.63 3.67
O4' ATP G . -3.18 15.67 3.43
C3' ATP G . -2.11 14.49 5.17
O3' ATP G . -0.76 14.25 5.54
C2' ATP G . -2.61 15.81 5.73
O2' ATP G . -1.52 16.64 6.11
C1' ATP G . -3.38 16.47 4.60
N9 ATP G . -4.83 16.52 4.93
C8 ATP G . -5.67 15.47 4.95
N7 ATP G . -6.93 15.85 5.28
C5 ATP G . -6.91 17.16 5.48
C6 ATP G . -7.90 18.19 5.85
N6 ATP G . -9.20 17.86 6.08
N1 ATP G . -7.48 19.47 5.96
C2 ATP G . -6.19 19.80 5.74
N3 ATP G . -5.24 18.93 5.39
C4 ATP G . -5.52 17.62 5.25
I1 5EA H . -13.94 12.77 8.82
C23 5EA H . -13.14 11.25 7.62
C21 5EA H . -13.35 9.91 7.95
C16 5EA H . -12.83 8.89 7.17
C19 5EA H . -12.41 11.60 6.50
C15 5EA H . -11.88 10.61 5.68
F20 5EA H . -11.17 10.96 4.59
C10 5EA H . -12.09 9.19 6.02
N5 5EA H . -11.56 8.23 5.20
C2 5EA H . -11.68 6.89 5.31
C6 5EA H . -12.97 6.22 5.67
F1 5EA H . -14.08 6.94 5.92
C11 5EA H . -13.02 4.73 5.76
F17 5EA H . -14.16 4.10 6.10
C9 5EA H . -11.87 3.99 5.50
C4 5EA H . -10.66 4.61 5.15
C1 5EA H . -10.52 5.99 5.05
C3 5EA H . -9.16 6.51 4.65
O7 5EA H . -8.08 5.63 4.25
C13 5EA H . -7.08 6.66 3.97
N14 5EA H . -7.56 7.88 4.19
N8 5EA H . -8.80 7.79 4.60
N18 5EA H . -5.85 6.37 3.55
C22 5EA H . -5.33 5.01 3.52
C24 5EA H . -4.98 4.50 4.92
N26 5EA H . -4.53 3.12 4.78
C27 5EA H . -3.10 2.93 4.55
C29 5EA H . -2.66 1.47 4.41
O31 5EA H . -3.63 0.41 4.51
C30 5EA H . -5.02 0.64 4.74
C28 5EA H . -5.54 2.07 4.90
#